data_6MEJ
#
_entry.id   6MEJ
#
_cell.length_a   86.440
_cell.length_b   76.640
_cell.length_c   118.260
_cell.angle_alpha   90.000
_cell.angle_beta   106.330
_cell.angle_gamma   90.000
#
_symmetry.space_group_name_H-M   'P 1 21 1'
#
loop_
_entity.id
_entity.type
_entity.pdbx_description
1 polymer 'antibody HEPC46 Heavy Chain'
2 polymer 'antibody HEPC46 Light Chain'
3 polymer 'E2 glycoprotein'
4 polymer 'antibody HEPC3 Heavy Chain'
5 polymer 'antibody HEPC3 Light Chain'
6 branched alpha-D-mannopyranose-(1-3)-[alpha-D-mannopyranose-(1-6)]beta-D-mannopyranose-(1-4)-2-acetamido-2-deoxy-beta-D-glucopyranose-(1-3)-2-acetamido-2-deoxy-beta-D-glucopyranose
7 branched alpha-D-mannopyranose-(1-3)-beta-D-mannopyranose-(1-4)-2-acetamido-2-deoxy-beta-D-glucopyranose-(1-4)-2-acetamido-2-deoxy-beta-D-glucopyranose
8 non-polymer 2-acetamido-2-deoxy-beta-D-glucopyranose
#
loop_
_entity_poly.entity_id
_entity_poly.type
_entity_poly.pdbx_seq_one_letter_code
_entity_poly.pdbx_strand_id
1 'polypeptide(L)'
;QVQLVQSGAEVKKPGASVKVSCKASGYIFTSHGISWVRQAPGQGLEWMGWISVYNGYTNYAQNLQGRVTMTTDTSTSTAY
MELRSLRSDDTAVYFCARASQIRGVDYWGQGTLVTVSSASTKGPSVFPLAPSSKSTSGGTAALGCLVKDYFPEPVTVSWN
SGALTSGVHTFPAVLQSSGLYSLSSVVTVPSSSLGTQTYICNVNHKPSNTKVDKRVEPKSCDKTHHHHHH
;
A
2 'polypeptide(L)'
;QSVLTQPPSASGTPGQRVTISCSGSSSNIGSNYVYWYQQFPGTAPKLLIYGNNQRPSGVPDRFSGSKSGTSASLAISGLR
SEDEADYYCAAWDDSLSGPWVFGGGTQVTVLGQPKAAPSVTLFPPSSEELQANKATLVCLISDFYPGAVTVAWKADSSPV
KAGVETTTPSKQSNNKYAASSYLSLTPEQWKSHRSYSCQVTHEGSTVEKTVAPTECS
;
B
3 'polypeptide(L)'
;NTVLIGGQAAYTASSFTALLTPGAKQNIQLINTNGSWHLNRTALNCNDSLNTGWLAGLFYHHKFNSSGCPERMASCRPLT
DFDQGWGPISHANGSGPDQRPYCWHYPPRPCGIVPAKTVCGPVYCFTPSPVVVGTTDRAGAPAYNWGENDTDVFVLNNTR
PPLGNWFGCTWMNSTGFTKACGAPPCAIGGVGNKTLYCPTDCFRKHPEATYSRCGSGPWITPRCLVDYPYRLWHYPCTIN
YTVFKIRMYVGGVEHRLEAACN
;
C
4 'polypeptide(L)'
;QVQLVQSGAEVKKPGSSVKVSCKASGGTLNSYEITWVRQAPGQGLEWMGGITPIFETTYAQKFQGRVTITADESTSTTYM
ELSSLRPEDTAVYYCARDGVRYCGGGRCYNWFDPWGQGTLVTVSSASTKGPSVFPLAPSSKSTSGGTAALGCLVKDYFPE
PVTVSWNSGALTSGVHTFPAVLQSSGLYSLSSVVTVPSSSLGTQTYICNVNHKPSNTKVDKRVEPKSCDKTAGWSHPQFE
K
;
H
5 'polypeptide(L)'
;DIQMTQSPSSLSASVGDRVTITCRAGQNINNYLNWYQQKPGKAPKVLIYAASNLQSGVPSRFSGSGSGTDFTLTISSLQP
EDFATYYCQQSHSTVRTFGQGTKVEIKRTVAAPSVFIFPPSDEQLKSGTASVVCLLNNFYPREAKVQWKVDNALQSGNSQ
ESVTEQDSKDSTYSLSSTLTLSKADYEKHKVYACEVTHQGLSSPVTKSFNRGEC
;
L
#
loop_
_chem_comp.id
_chem_comp.type
_chem_comp.name
_chem_comp.formula
BMA D-saccharide, beta linking beta-D-mannopyranose 'C6 H12 O6'
MAN D-saccharide, alpha linking alpha-D-mannopyranose 'C6 H12 O6'
NAG D-saccharide, beta linking 2-acetamido-2-deoxy-beta-D-glucopyranose 'C8 H15 N O6'
#
# COMPACT_ATOMS: atom_id res chain seq x y z
N GLN A 1 21.31 11.44 6.31
CA GLN A 1 22.07 11.74 7.50
C GLN A 1 21.19 11.47 8.73
N VAL A 2 21.44 10.34 9.39
CA VAL A 2 20.68 9.98 10.58
C VAL A 2 21.47 10.40 11.80
N GLN A 3 20.94 11.37 12.55
CA GLN A 3 21.65 11.98 13.66
C GLN A 3 20.85 11.85 14.94
N LEU A 4 21.56 11.55 16.02
CA LEU A 4 21.08 11.74 17.38
C LEU A 4 22.02 12.68 18.10
N VAL A 5 21.46 13.72 18.71
CA VAL A 5 22.22 14.61 19.57
C VAL A 5 21.49 14.69 20.92
N GLN A 6 22.28 14.75 21.99
CA GLN A 6 21.82 14.59 23.35
C GLN A 6 21.90 15.90 24.11
N SER A 7 21.13 15.98 25.20
CA SER A 7 21.24 17.08 26.14
C SER A 7 22.63 17.12 26.76
N GLY A 8 23.00 18.31 27.23
CA GLY A 8 24.31 18.55 27.78
C GLY A 8 24.57 17.82 29.09
N ALA A 9 25.77 18.01 29.60
CA ALA A 9 26.21 17.27 30.77
C ALA A 9 25.81 18.02 32.03
N GLU A 10 25.38 17.28 33.06
CA GLU A 10 24.93 17.91 34.29
C GLU A 10 25.52 17.21 35.51
N VAL A 11 25.65 17.97 36.61
CA VAL A 11 26.17 17.49 37.89
C VAL A 11 24.98 17.30 38.83
N LYS A 12 24.98 16.20 39.55
CA LYS A 12 23.83 15.84 40.37
C LYS A 12 24.29 15.33 41.73
N LYS A 13 23.53 15.66 42.77
CA LYS A 13 23.85 15.17 44.11
C LYS A 13 23.34 13.73 44.28
N PRO A 14 24.04 12.92 45.08
CA PRO A 14 23.53 11.57 45.32
C PRO A 14 22.11 11.62 45.86
N GLY A 15 21.28 10.69 45.37
CA GLY A 15 19.88 10.66 45.70
C GLY A 15 18.98 11.55 44.85
N ALA A 16 19.55 12.48 44.09
CA ALA A 16 18.78 13.29 43.18
C ALA A 16 18.41 12.47 41.95
N SER A 17 17.64 13.05 41.06
CA SER A 17 17.36 12.39 39.80
C SER A 17 17.82 13.26 38.63
N VAL A 18 17.95 12.63 37.47
CA VAL A 18 18.39 13.30 36.26
C VAL A 18 17.53 12.81 35.09
N LYS A 19 17.42 13.64 34.05
CA LYS A 19 16.70 13.28 32.83
C LYS A 19 17.50 13.77 31.63
N VAL A 20 17.93 12.84 30.80
CA VAL A 20 18.77 13.15 29.65
C VAL A 20 17.92 13.07 28.40
N SER A 21 18.10 14.02 27.49
CA SER A 21 17.35 14.06 26.24
C SER A 21 18.17 13.51 25.08
N CYS A 22 17.54 13.48 23.91
CA CYS A 22 18.11 12.91 22.70
C CYS A 22 17.24 13.20 21.48
N LYS A 23 17.71 14.00 20.51
CA LYS A 23 16.89 14.35 19.34
C LYS A 23 17.27 13.55 18.10
N ALA A 24 16.29 12.83 17.55
CA ALA A 24 16.48 12.03 16.34
C ALA A 24 16.19 12.87 15.10
N SER A 25 17.01 12.67 14.07
CA SER A 25 16.77 13.30 12.78
C SER A 25 17.42 12.43 11.71
N GLY A 26 16.72 12.24 10.60
CA GLY A 26 17.27 11.51 9.46
C GLY A 26 16.66 10.16 9.20
N TYR A 27 15.58 9.80 9.89
CA TYR A 27 14.85 8.57 9.60
C TYR A 27 13.47 8.73 10.20
N ILE A 28 12.59 7.78 9.91
CA ILE A 28 11.26 7.88 10.47
C ILE A 28 11.34 7.46 11.92
N PHE A 29 11.06 8.40 12.83
CA PHE A 29 11.34 8.17 14.25
C PHE A 29 10.62 6.93 14.76
N THR A 30 9.35 6.77 14.42
CA THR A 30 8.57 5.62 14.84
C THR A 30 8.95 4.33 14.13
N SER A 31 9.78 4.38 13.09
CA SER A 31 10.20 3.16 12.39
C SER A 31 11.02 2.23 13.29
N HIS A 32 11.98 2.78 14.03
CA HIS A 32 12.79 2.00 14.96
C HIS A 32 12.50 2.43 16.40
N GLY A 33 13.09 1.68 17.33
CA GLY A 33 13.06 2.00 18.74
C GLY A 33 14.28 2.79 19.17
N ILE A 34 14.45 2.93 20.48
CA ILE A 34 15.53 3.72 21.07
C ILE A 34 16.11 3.03 22.31
N SER A 35 17.43 2.88 22.35
CA SER A 35 18.07 2.18 23.46
C SER A 35 18.99 3.15 24.20
N TRP A 36 19.28 2.83 25.47
CA TRP A 36 20.22 3.63 26.25
C TRP A 36 21.35 2.77 26.80
N VAL A 37 22.58 3.27 26.68
CA VAL A 37 23.80 2.56 27.07
C VAL A 37 24.71 3.52 27.82
N ARG A 38 24.97 3.26 29.09
CA ARG A 38 25.86 4.11 29.85
C ARG A 38 27.23 3.45 29.94
N GLN A 39 28.24 4.30 30.12
CA GLN A 39 29.63 3.85 30.23
C GLN A 39 30.29 4.55 31.42
N ALA A 40 30.68 3.78 32.44
CA ALA A 40 31.41 4.39 33.56
C ALA A 40 32.85 4.67 33.17
N PRO A 41 33.43 5.80 33.58
CA PRO A 41 34.78 6.18 33.12
C PRO A 41 35.81 5.08 33.30
N GLY A 42 36.30 4.54 32.18
CA GLY A 42 37.27 3.47 32.18
C GLY A 42 36.73 2.07 31.97
N GLN A 43 35.41 1.89 31.98
CA GLN A 43 34.79 0.57 31.96
C GLN A 43 34.13 0.28 30.62
N GLY A 44 33.51 -0.90 30.54
CA GLY A 44 32.85 -1.35 29.35
C GLY A 44 31.55 -0.62 29.14
N LEU A 45 30.72 -1.19 28.26
CA LEU A 45 29.45 -0.58 27.90
C LEU A 45 28.33 -1.35 28.61
N GLU A 46 27.40 -0.59 29.20
CA GLU A 46 26.28 -1.12 29.97
C GLU A 46 24.98 -0.88 29.23
N TRP A 47 24.26 -1.95 28.94
CA TRP A 47 22.94 -1.79 28.37
C TRP A 47 21.96 -1.45 29.49
N MET A 48 21.40 -0.26 29.44
CA MET A 48 20.36 0.12 30.39
C MET A 48 18.95 -0.33 30.00
N GLY A 49 18.54 -0.18 28.75
CA GLY A 49 17.22 -0.64 28.35
C GLY A 49 16.81 -0.17 26.95
N TRP A 50 15.53 -0.44 26.63
CA TRP A 50 14.88 -0.31 25.31
C TRP A 50 13.48 0.29 25.40
N ILE A 51 13.15 1.20 24.50
CA ILE A 51 11.78 1.65 24.34
C ILE A 51 11.36 1.54 22.87
N SER A 52 10.08 1.23 22.64
CA SER A 52 9.49 1.31 21.31
C SER A 52 8.88 2.68 21.11
N VAL A 53 9.42 3.42 20.13
CA VAL A 53 8.85 4.73 19.79
C VAL A 53 7.38 4.58 19.41
N TYR A 54 7.04 3.53 18.66
CA TYR A 54 5.68 3.39 18.13
C TYR A 54 4.70 2.93 19.20
N ASN A 55 4.92 1.77 19.80
CA ASN A 55 3.92 1.20 20.69
C ASN A 55 4.27 1.30 22.16
N GLY A 56 5.49 1.71 22.52
CA GLY A 56 5.79 2.07 23.88
C GLY A 56 6.29 0.94 24.76
N TYR A 57 6.34 -0.29 24.24
CA TYR A 57 7.04 -1.40 24.91
C TYR A 57 8.35 -0.94 25.52
N THR A 58 8.68 -1.48 26.69
CA THR A 58 9.97 -1.19 27.32
C THR A 58 10.61 -2.47 27.84
N ASN A 59 11.94 -2.47 27.81
CA ASN A 59 12.72 -3.49 28.50
C ASN A 59 13.81 -2.75 29.26
N TYR A 60 13.96 -3.08 30.54
CA TYR A 60 14.88 -2.38 31.42
C TYR A 60 15.91 -3.37 31.96
N ALA A 61 17.17 -2.95 31.96
CA ALA A 61 18.24 -3.72 32.59
C ALA A 61 17.91 -3.94 34.06
N GLN A 62 17.94 -5.18 34.51
CA GLN A 62 17.33 -5.47 35.79
C GLN A 62 18.16 -4.97 36.98
N ASN A 63 19.47 -4.77 36.81
CA ASN A 63 20.24 -4.20 37.94
C ASN A 63 19.94 -2.74 38.20
N LEU A 64 19.14 -2.09 37.37
CA LEU A 64 18.75 -0.72 37.64
C LEU A 64 17.51 -0.64 38.55
N GLN A 65 16.99 -1.79 38.98
CA GLN A 65 15.96 -1.90 40.03
C GLN A 65 14.84 -0.87 39.88
N GLY A 66 14.22 -0.87 38.70
CA GLY A 66 13.12 0.05 38.44
C GLY A 66 13.43 1.51 38.74
N ARG A 67 14.68 1.90 38.58
CA ARG A 67 15.07 3.30 38.75
C ARG A 67 14.87 4.11 37.47
N VAL A 68 15.03 3.49 36.33
CA VAL A 68 15.07 4.21 35.06
C VAL A 68 13.72 4.07 34.37
N THR A 69 13.19 5.16 33.89
CA THR A 69 12.03 5.09 33.02
C THR A 69 12.37 5.85 31.76
N MET A 70 11.97 5.28 30.63
CA MET A 70 12.32 5.79 29.31
C MET A 70 11.05 6.24 28.61
N THR A 71 11.10 7.42 27.97
CA THR A 71 9.93 7.89 27.26
C THR A 71 10.31 8.62 25.97
N THR A 72 9.43 8.54 24.98
CA THR A 72 9.58 9.26 23.72
C THR A 72 8.57 10.39 23.60
N ASP A 73 8.84 11.29 22.67
CA ASP A 73 7.90 12.31 22.24
C ASP A 73 7.85 12.32 20.71
N THR A 74 6.77 11.80 20.14
CA THR A 74 6.71 11.66 18.69
C THR A 74 6.74 13.00 17.99
N SER A 75 6.11 14.02 18.58
CA SER A 75 6.20 15.37 18.04
C SER A 75 7.65 15.84 17.96
N THR A 76 8.34 15.85 19.11
CA THR A 76 9.69 16.41 19.23
C THR A 76 10.75 15.52 18.61
N SER A 77 10.41 14.28 18.23
CA SER A 77 11.41 13.30 17.79
C SER A 77 12.54 13.23 18.81
N THR A 78 12.13 13.07 20.08
CA THR A 78 13.04 13.08 21.23
C THR A 78 12.69 11.95 22.19
N ALA A 79 13.75 11.33 22.74
CA ALA A 79 13.64 10.25 23.72
C ALA A 79 14.25 10.74 25.02
N TYR A 80 13.66 10.30 26.14
CA TYR A 80 14.08 10.75 27.46
C TYR A 80 14.36 9.55 28.34
N MET A 81 15.56 9.49 28.88
CA MET A 81 15.89 8.55 29.92
C MET A 81 16.01 9.30 31.24
N GLU A 82 15.29 8.84 32.26
CA GLU A 82 15.32 9.44 33.56
C GLU A 82 15.77 8.40 34.57
N LEU A 83 16.75 8.76 35.39
CA LEU A 83 17.31 7.90 36.42
C LEU A 83 17.07 8.55 37.79
N ARG A 84 16.50 7.78 38.72
CA ARG A 84 16.20 8.31 40.04
C ARG A 84 17.15 7.72 41.08
N SER A 85 17.22 8.35 42.24
CA SER A 85 18.03 7.85 43.35
C SER A 85 19.50 7.65 42.94
N LEU A 86 20.11 8.72 42.44
CA LEU A 86 21.44 8.59 41.88
C LEU A 86 22.49 8.28 42.95
N ARG A 87 23.38 7.36 42.64
CA ARG A 87 24.44 6.97 43.54
C ARG A 87 25.75 7.18 42.81
N SER A 88 26.87 7.10 43.53
CA SER A 88 28.13 7.56 42.94
C SER A 88 28.63 6.67 41.81
N ASP A 89 28.20 5.41 41.74
CA ASP A 89 28.46 4.59 40.55
C ASP A 89 27.48 4.84 39.40
N ASP A 90 26.45 5.66 39.59
CA ASP A 90 25.76 6.14 38.41
C ASP A 90 26.59 7.16 37.63
N THR A 91 27.72 7.61 38.16
CA THR A 91 28.60 8.47 37.38
C THR A 91 28.99 7.74 36.12
N ALA A 92 28.64 8.31 34.97
CA ALA A 92 28.85 7.62 33.70
C ALA A 92 28.51 8.57 32.56
N VAL A 93 29.08 8.30 31.40
CA VAL A 93 28.57 8.89 30.18
C VAL A 93 27.34 8.09 29.79
N TYR A 94 26.26 8.80 29.50
CA TYR A 94 25.02 8.15 29.12
C TYR A 94 24.83 8.36 27.61
N PHE A 95 24.77 7.26 26.88
CA PHE A 95 24.61 7.30 25.43
C PHE A 95 23.17 7.05 25.03
N CYS A 96 22.85 7.54 23.84
CA CYS A 96 21.55 7.42 23.22
C CYS A 96 21.74 6.76 21.88
N ALA A 97 21.06 5.65 21.65
CA ALA A 97 21.33 4.92 20.40
C ALA A 97 20.05 4.34 19.84
N ARG A 98 20.00 4.23 18.50
CA ARG A 98 18.87 3.65 17.79
C ARG A 98 18.94 2.13 17.81
N ALA A 99 17.77 1.48 17.87
CA ALA A 99 17.70 0.01 17.91
C ALA A 99 16.60 -0.56 17.01
N SER A 100 16.90 -1.69 16.37
CA SER A 100 15.96 -2.41 15.54
C SER A 100 16.36 -3.87 15.54
N GLN A 101 15.49 -4.71 14.98
CA GLN A 101 15.71 -6.15 15.13
C GLN A 101 16.95 -6.62 14.37
N ILE A 102 17.27 -5.99 13.28
CA ILE A 102 18.27 -6.58 12.40
C ILE A 102 19.58 -5.84 12.56
N ARG A 103 19.54 -4.54 12.35
CA ARG A 103 20.73 -3.74 12.58
C ARG A 103 21.07 -3.60 14.06
N GLY A 104 20.30 -4.22 14.96
CA GLY A 104 20.56 -4.07 16.38
C GLY A 104 20.61 -2.60 16.77
N VAL A 105 21.50 -2.28 17.71
CA VAL A 105 21.70 -0.92 18.17
C VAL A 105 22.70 -0.26 17.24
N ASP A 106 22.20 0.50 16.26
CA ASP A 106 23.04 0.89 15.12
C ASP A 106 23.71 2.26 15.25
N TYR A 107 22.99 3.31 15.64
CA TYR A 107 23.54 4.67 15.56
C TYR A 107 23.46 5.35 16.91
N TRP A 108 24.56 5.99 17.30
CA TRP A 108 24.76 6.51 18.66
C TRP A 108 24.89 8.02 18.65
N GLY A 109 24.30 8.66 19.65
CA GLY A 109 24.53 10.06 19.92
C GLY A 109 25.98 10.29 20.36
N GLN A 110 26.25 11.53 20.79
CA GLN A 110 27.59 11.81 21.29
C GLN A 110 27.82 11.29 22.71
N GLY A 111 26.77 11.16 23.51
CA GLY A 111 26.85 10.81 24.91
C GLY A 111 26.58 12.02 25.79
N THR A 112 26.11 11.76 27.00
CA THR A 112 25.97 12.79 28.00
C THR A 112 26.77 12.39 29.23
N LEU A 113 27.59 13.29 29.74
CA LEU A 113 28.30 13.03 30.97
C LEU A 113 27.38 13.33 32.14
N VAL A 114 27.19 12.33 33.00
CA VAL A 114 26.45 12.47 34.25
C VAL A 114 27.41 12.14 35.38
N THR A 115 27.76 13.15 36.19
CA THR A 115 28.59 12.94 37.37
C THR A 115 27.77 13.20 38.62
N VAL A 116 27.72 12.20 39.50
CA VAL A 116 27.00 12.30 40.76
C VAL A 116 28.02 12.45 41.87
N SER A 117 28.32 13.68 42.24
CA SER A 117 29.25 13.97 43.30
C SER A 117 28.64 15.04 44.19
N SER A 118 28.73 14.80 45.50
CA SER A 118 28.44 15.79 46.53
C SER A 118 29.72 16.23 47.19
N ALA A 119 30.77 16.39 46.41
CA ALA A 119 32.10 16.45 46.97
C ALA A 119 32.53 17.91 47.12
N SER A 120 32.92 18.28 48.34
CA SER A 120 33.42 19.60 48.74
C SER A 120 34.83 19.81 48.18
N THR A 121 35.54 20.81 48.69
CA THR A 121 36.99 20.73 48.62
C THR A 121 37.49 20.11 49.93
N LYS A 122 38.52 19.28 49.84
CA LYS A 122 39.02 18.65 51.06
C LYS A 122 40.51 18.32 50.93
N GLY A 123 41.29 18.67 51.97
CA GLY A 123 42.70 18.36 52.03
C GLY A 123 43.01 16.87 52.24
N PRO A 124 44.08 16.40 51.61
CA PRO A 124 44.43 14.97 51.64
C PRO A 124 44.89 14.50 53.00
N SER A 125 44.90 13.19 53.15
CA SER A 125 45.59 12.54 54.24
C SER A 125 46.81 11.85 53.66
N VAL A 126 47.94 12.02 54.33
CA VAL A 126 49.22 11.55 53.82
C VAL A 126 49.73 10.44 54.69
N PHE A 127 50.09 9.33 54.07
CA PHE A 127 50.50 8.13 54.76
C PHE A 127 51.80 7.64 54.17
N PRO A 128 52.71 7.15 55.00
CA PRO A 128 54.00 6.69 54.48
C PRO A 128 53.92 5.25 54.03
N LEU A 129 54.21 5.02 52.76
CA LEU A 129 54.27 3.66 52.24
C LEU A 129 55.72 3.25 52.43
N ALA A 130 55.95 2.55 53.54
CA ALA A 130 57.31 2.31 54.01
C ALA A 130 58.00 1.22 53.18
N PRO A 131 59.33 1.23 53.12
CA PRO A 131 60.04 0.16 52.42
C PRO A 131 60.13 -1.06 53.32
N SER A 132 59.80 -2.23 52.78
CA SER A 132 59.93 -3.47 53.55
C SER A 132 61.26 -4.13 53.22
N SER A 133 61.52 -5.24 53.91
CA SER A 133 62.50 -6.22 53.44
C SER A 133 61.89 -6.95 52.26
N GLY A 138 67.25 -7.15 46.33
CA GLY A 138 68.66 -7.46 46.49
C GLY A 138 69.61 -6.27 46.53
N GLY A 139 69.16 -5.15 47.10
CA GLY A 139 69.95 -3.94 47.12
C GLY A 139 69.29 -2.75 46.44
N THR A 140 68.09 -2.91 45.91
CA THR A 140 67.26 -1.78 45.49
C THR A 140 65.88 -1.98 46.09
N ALA A 141 65.46 -1.06 46.96
CA ALA A 141 64.17 -1.12 47.61
C ALA A 141 63.29 0.01 47.13
N ALA A 142 62.05 0.00 47.60
CA ALA A 142 61.04 0.97 47.14
C ALA A 142 60.20 1.43 48.31
N LEU A 143 59.98 2.74 48.37
CA LEU A 143 59.12 3.35 49.36
C LEU A 143 58.39 4.51 48.70
N GLY A 144 57.46 5.09 49.44
CA GLY A 144 56.63 6.14 48.89
C GLY A 144 55.64 6.68 49.87
N CYS A 145 54.64 7.39 49.33
CA CYS A 145 53.65 8.16 50.07
C CYS A 145 52.26 7.89 49.52
N LEU A 146 51.29 7.76 50.41
CA LEU A 146 49.88 7.62 50.03
C LEU A 146 49.17 8.92 50.35
N VAL A 147 48.88 9.69 49.31
CA VAL A 147 48.01 10.86 49.38
C VAL A 147 46.59 10.38 49.16
N LYS A 148 45.75 10.40 50.21
CA LYS A 148 44.48 9.68 50.19
C LYS A 148 43.31 10.58 50.58
N ASP A 149 42.26 10.58 49.75
CA ASP A 149 40.95 11.17 50.03
C ASP A 149 40.97 12.70 49.99
N TYR A 150 41.35 13.25 48.85
CA TYR A 150 41.35 14.69 48.60
C TYR A 150 40.44 15.02 47.41
N PHE A 151 40.34 16.32 47.09
CA PHE A 151 39.54 16.89 46.01
C PHE A 151 39.48 18.41 46.22
N PRO A 152 39.70 19.23 45.18
CA PRO A 152 39.97 18.89 43.78
C PRO A 152 41.35 18.46 43.44
N GLU A 153 41.57 18.19 42.21
CA GLU A 153 42.92 18.08 41.72
C GLU A 153 43.45 19.46 41.40
N PRO A 154 44.77 19.63 41.33
CA PRO A 154 45.76 18.58 41.54
C PRO A 154 46.33 18.55 42.95
N VAL A 155 47.22 17.57 43.18
CA VAL A 155 48.04 17.45 44.37
C VAL A 155 49.47 17.24 43.91
N THR A 156 50.39 18.10 44.37
CA THR A 156 51.80 18.02 44.00
C THR A 156 52.59 17.25 45.05
N VAL A 157 53.57 16.48 44.60
CA VAL A 157 54.46 15.76 45.49
C VAL A 157 55.91 16.01 45.08
N SER A 158 56.78 16.14 46.07
CA SER A 158 58.23 16.13 45.91
C SER A 158 58.84 15.33 47.04
N TRP A 159 60.15 15.12 46.95
CA TRP A 159 60.87 14.35 47.97
C TRP A 159 62.08 15.15 48.43
N ASN A 160 62.24 15.24 49.75
CA ASN A 160 63.31 16.04 50.37
C ASN A 160 63.34 17.45 49.76
N SER A 161 62.16 18.01 49.53
CA SER A 161 62.03 19.35 48.98
C SER A 161 62.75 19.50 47.63
N GLY A 162 62.54 18.52 46.77
CA GLY A 162 63.13 18.58 45.46
C GLY A 162 64.56 18.14 45.40
N ALA A 163 65.18 17.90 46.55
CA ALA A 163 66.56 17.40 46.53
C ALA A 163 66.62 16.04 45.87
N LEU A 164 65.56 15.25 45.97
CA LEU A 164 65.54 13.88 45.51
C LEU A 164 64.58 13.78 44.33
N THR A 165 65.13 13.57 43.15
CA THR A 165 64.36 13.55 41.92
C THR A 165 64.39 12.20 41.21
N SER A 166 65.51 11.51 41.21
CA SER A 166 65.61 10.29 40.41
C SER A 166 65.04 9.08 41.14
N GLY A 167 64.44 8.17 40.37
CA GLY A 167 63.72 7.02 40.88
C GLY A 167 62.30 7.31 41.34
N VAL A 168 61.86 8.55 41.24
CA VAL A 168 60.57 8.96 41.74
C VAL A 168 59.53 8.77 40.64
N HIS A 169 58.39 8.20 40.99
CA HIS A 169 57.28 8.02 40.07
C HIS A 169 56.01 8.39 40.83
N THR A 170 55.50 9.60 40.59
CA THR A 170 54.21 9.99 41.16
C THR A 170 53.10 9.60 40.16
N PHE A 171 52.19 8.76 40.61
CA PHE A 171 51.25 8.11 39.74
C PHE A 171 50.02 8.98 39.55
N PRO A 172 49.43 8.94 38.36
CA PRO A 172 48.14 9.58 38.17
C PRO A 172 47.14 9.01 39.15
N ALA A 173 46.23 9.87 39.57
CA ALA A 173 45.40 9.60 40.73
C ALA A 173 44.21 8.73 40.35
N VAL A 174 43.38 8.43 41.34
CA VAL A 174 42.20 7.61 41.18
C VAL A 174 41.02 8.37 41.76
N LEU A 175 39.87 8.30 41.08
CA LEU A 175 38.63 8.88 41.58
C LEU A 175 37.83 7.75 42.17
N GLN A 176 37.47 7.87 43.43
CA GLN A 176 37.01 6.71 44.18
C GLN A 176 35.49 6.64 44.26
N SER A 177 35.03 5.70 45.09
CA SER A 177 33.61 5.51 45.36
C SER A 177 32.94 6.81 45.74
N SER A 178 33.59 7.60 46.58
CA SER A 178 33.01 8.78 47.18
C SER A 178 33.21 10.04 46.35
N GLY A 179 33.80 9.94 45.18
CA GLY A 179 34.15 11.13 44.41
C GLY A 179 35.39 11.86 44.88
N LEU A 180 36.14 11.29 45.83
CA LEU A 180 37.41 11.85 46.29
C LEU A 180 38.58 11.23 45.54
N TYR A 181 39.75 11.84 45.70
CA TYR A 181 40.94 11.46 44.96
C TYR A 181 41.98 10.81 45.87
N SER A 182 42.87 10.04 45.24
CA SER A 182 43.99 9.42 45.94
C SER A 182 45.04 9.04 44.91
N LEU A 183 46.26 9.53 45.08
CA LEU A 183 47.39 8.99 44.33
C LEU A 183 48.50 8.70 45.30
N SER A 184 49.45 7.93 44.84
CA SER A 184 50.63 7.63 45.63
C SER A 184 51.86 8.04 44.86
N SER A 185 52.92 8.43 45.57
CA SER A 185 54.19 8.67 44.91
C SER A 185 55.22 7.71 45.48
N VAL A 186 56.16 7.29 44.64
CA VAL A 186 57.04 6.19 44.99
C VAL A 186 58.44 6.45 44.48
N VAL A 187 59.42 6.30 45.38
CA VAL A 187 60.81 6.43 45.01
C VAL A 187 61.44 5.05 45.05
N THR A 188 62.47 4.90 44.23
CA THR A 188 63.26 3.69 44.16
C THR A 188 64.62 4.00 44.77
N VAL A 189 64.94 3.28 45.83
CA VAL A 189 66.09 3.56 46.69
C VAL A 189 67.06 2.39 46.65
N PRO A 190 68.34 2.62 46.97
CA PRO A 190 69.23 1.50 47.27
C PRO A 190 69.01 1.07 48.71
N SER A 191 68.85 -0.25 48.91
CA SER A 191 68.67 -0.79 50.26
C SER A 191 69.75 -0.29 51.19
N SER A 192 70.99 -0.15 50.71
CA SER A 192 72.10 0.18 51.59
C SER A 192 71.87 1.49 52.35
N SER A 193 71.15 2.44 51.75
CA SER A 193 71.02 3.77 52.33
C SER A 193 69.97 3.86 53.45
N LEU A 194 69.26 2.78 53.75
CA LEU A 194 68.08 2.88 54.62
C LEU A 194 68.49 2.83 56.09
N GLY A 195 68.03 3.80 56.86
CA GLY A 195 68.58 3.97 58.20
C GLY A 195 69.58 5.11 58.22
N THR A 196 70.50 5.10 57.25
CA THR A 196 71.27 6.29 56.90
C THR A 196 70.37 7.41 56.40
N GLN A 197 69.79 7.21 55.21
CA GLN A 197 69.23 8.29 54.42
C GLN A 197 67.79 8.57 54.79
N THR A 198 67.47 9.85 54.90
CA THR A 198 66.14 10.30 55.30
C THR A 198 65.29 10.56 54.06
N TYR A 199 64.00 10.21 54.16
CA TYR A 199 63.07 10.36 53.05
C TYR A 199 61.80 11.02 53.57
N ILE A 200 61.54 12.23 53.10
CA ILE A 200 60.27 12.89 53.35
C ILE A 200 59.67 13.33 52.03
N CYS A 201 58.42 12.95 51.81
CA CYS A 201 57.67 13.42 50.65
C CYS A 201 56.94 14.69 51.03
N ASN A 202 56.87 15.61 50.09
CA ASN A 202 56.25 16.90 50.30
C ASN A 202 55.03 16.97 49.38
N VAL A 203 53.85 16.88 49.97
CA VAL A 203 52.61 17.02 49.22
C VAL A 203 52.03 18.40 49.49
N ASN A 204 51.61 19.08 48.42
CA ASN A 204 50.84 20.31 48.57
C ASN A 204 49.64 20.27 47.63
N HIS A 205 48.50 20.64 48.19
CA HIS A 205 47.19 20.67 47.55
C HIS A 205 46.67 22.11 47.69
N LYS A 206 47.06 22.96 46.75
CA LYS A 206 46.74 24.39 46.84
C LYS A 206 45.25 24.68 47.04
N PRO A 207 44.31 23.97 46.40
CA PRO A 207 42.88 24.24 46.68
C PRO A 207 42.51 24.31 48.15
N SER A 208 43.03 23.41 48.98
CA SER A 208 42.73 23.43 50.40
C SER A 208 43.83 24.06 51.23
N ASN A 209 44.84 24.66 50.59
CA ASN A 209 46.00 25.24 51.28
C ASN A 209 46.58 24.22 52.26
N THR A 210 46.87 23.03 51.76
CA THR A 210 47.36 21.94 52.59
C THR A 210 48.76 21.56 52.15
N LYS A 211 49.73 21.76 53.03
CA LYS A 211 51.08 21.25 52.86
C LYS A 211 51.33 20.26 53.99
N VAL A 212 51.90 19.12 53.66
CA VAL A 212 52.22 18.12 54.66
C VAL A 212 53.49 17.43 54.24
N ASP A 213 54.45 17.35 55.15
CA ASP A 213 55.64 16.55 54.92
C ASP A 213 55.56 15.31 55.79
N LYS A 214 55.92 14.18 55.21
CA LYS A 214 55.79 12.91 55.90
C LYS A 214 57.06 12.12 55.67
N ARG A 215 57.78 11.86 56.76
CA ARG A 215 59.01 11.14 56.68
C ARG A 215 58.69 9.67 56.55
N VAL A 216 59.37 8.99 55.64
CA VAL A 216 59.12 7.56 55.40
C VAL A 216 60.30 6.79 55.99
N GLU A 217 60.00 5.92 56.95
CA GLU A 217 61.00 5.16 57.67
C GLU A 217 60.62 3.69 57.67
N PRO A 218 61.61 2.80 57.76
CA PRO A 218 61.30 1.35 57.84
C PRO A 218 60.82 0.99 59.24
N LYS A 219 59.71 0.23 59.33
CA LYS A 219 59.11 -0.08 60.64
C LYS A 219 59.90 -1.12 61.45
N SER B 2 31.14 -9.59 31.93
CA SER B 2 30.35 -9.62 30.70
C SER B 2 29.81 -10.99 30.35
N VAL B 3 28.66 -11.02 29.68
CA VAL B 3 28.10 -12.27 29.19
C VAL B 3 28.87 -12.75 27.98
N LEU B 4 29.37 -11.84 27.16
CA LEU B 4 30.25 -12.17 26.06
C LEU B 4 31.69 -11.88 26.49
N THR B 5 32.57 -12.83 26.26
CA THR B 5 33.93 -12.74 26.77
C THR B 5 34.89 -12.48 25.60
N GLN B 6 35.55 -11.32 25.66
CA GLN B 6 36.60 -10.89 24.74
C GLN B 6 37.94 -10.84 25.46
N PRO B 7 39.02 -11.22 24.79
CA PRO B 7 40.35 -10.90 25.29
C PRO B 7 40.48 -9.40 25.48
N PRO B 8 41.15 -8.94 26.54
CA PRO B 8 41.20 -7.49 26.77
C PRO B 8 42.10 -6.77 25.80
N SER B 9 43.13 -7.41 25.29
CA SER B 9 44.01 -6.74 24.36
C SER B 9 44.24 -7.61 23.13
N ALA B 10 44.77 -6.96 22.10
CA ALA B 10 45.50 -7.65 21.04
C ALA B 10 46.31 -6.60 20.33
N SER B 11 47.32 -7.05 19.58
CA SER B 11 48.24 -6.06 19.04
C SER B 11 48.91 -6.60 17.80
N GLY B 12 49.32 -5.68 16.94
CA GLY B 12 49.94 -6.03 15.68
C GLY B 12 50.67 -4.85 15.10
N THR B 13 51.63 -5.15 14.23
CA THR B 13 52.44 -4.16 13.55
C THR B 13 51.76 -3.75 12.25
N PRO B 14 51.81 -2.46 11.89
CA PRO B 14 50.99 -1.97 10.78
C PRO B 14 51.14 -2.82 9.54
N GLY B 15 50.01 -3.01 8.84
CA GLY B 15 49.92 -3.89 7.70
C GLY B 15 49.55 -5.32 8.02
N GLN B 16 49.53 -5.67 9.30
CA GLN B 16 49.17 -7.01 9.73
C GLN B 16 47.65 -7.14 9.84
N ARG B 17 47.19 -8.38 9.97
CA ARG B 17 45.77 -8.65 10.12
C ARG B 17 45.54 -9.16 11.54
N VAL B 18 44.96 -8.31 12.37
CA VAL B 18 44.59 -8.67 13.73
C VAL B 18 43.20 -9.28 13.74
N THR B 19 43.05 -10.38 14.46
CA THR B 19 41.74 -10.93 14.75
C THR B 19 41.35 -10.54 16.16
N ILE B 20 40.08 -10.73 16.48
CA ILE B 20 39.56 -10.56 17.83
C ILE B 20 38.59 -11.70 18.08
N SER B 21 38.55 -12.19 19.31
CA SER B 21 37.65 -13.29 19.66
C SER B 21 36.48 -12.76 20.45
N CYS B 22 35.39 -13.53 20.43
CA CYS B 22 34.20 -13.23 21.24
C CYS B 22 33.44 -14.53 21.41
N SER B 23 33.15 -14.93 22.66
CA SER B 23 32.46 -16.20 22.85
C SER B 23 31.25 -16.03 23.75
N GLY B 24 30.22 -16.84 23.50
CA GLY B 24 28.96 -16.66 24.20
C GLY B 24 28.31 -17.95 24.64
N SER B 25 26.98 -17.97 24.58
CA SER B 25 26.15 -19.13 24.90
C SER B 25 25.41 -19.59 23.63
N SER B 26 24.51 -20.56 23.81
CA SER B 26 23.64 -20.99 22.73
C SER B 26 22.46 -20.05 22.56
N SER B 27 22.25 -19.15 23.51
CA SER B 27 21.16 -18.20 23.47
C SER B 27 21.63 -16.80 23.11
N ASN B 28 22.84 -16.65 22.57
CA ASN B 28 23.20 -15.39 21.94
C ASN B 28 23.85 -15.66 20.60
N ILE B 29 25.17 -15.79 20.57
CA ILE B 29 25.85 -16.04 19.30
C ILE B 29 25.31 -17.29 18.63
N GLY B 30 25.09 -18.34 19.42
CA GLY B 30 24.63 -19.60 18.84
C GLY B 30 23.31 -19.50 18.08
N SER B 31 22.62 -18.36 18.16
CA SER B 31 21.25 -18.24 17.68
C SER B 31 20.85 -16.81 17.34
N ASN B 32 21.77 -15.86 17.33
CA ASN B 32 21.38 -14.48 17.14
C ASN B 32 22.52 -13.67 16.53
N TYR B 33 22.23 -12.40 16.26
CA TYR B 33 23.10 -11.57 15.44
C TYR B 33 24.21 -10.98 16.29
N VAL B 34 25.40 -11.14 15.83
CA VAL B 34 26.55 -10.50 16.45
C VAL B 34 26.73 -9.14 15.81
N TYR B 35 27.21 -8.19 16.61
CA TYR B 35 27.53 -6.86 16.12
C TYR B 35 28.91 -6.48 16.63
N TRP B 36 29.53 -5.52 15.94
CA TRP B 36 30.85 -5.05 16.33
C TRP B 36 30.90 -3.54 16.31
N TYR B 37 31.56 -2.98 17.31
CA TYR B 37 31.64 -1.54 17.49
C TYR B 37 33.09 -1.11 17.69
N GLN B 38 33.43 0.06 17.18
CA GLN B 38 34.73 0.67 17.40
C GLN B 38 34.51 1.96 18.17
N GLN B 39 35.17 2.09 19.31
CA GLN B 39 35.05 3.26 20.16
C GLN B 39 36.43 3.89 20.32
N PHE B 40 36.59 5.10 19.81
CA PHE B 40 37.79 5.80 20.23
C PHE B 40 37.54 6.48 21.57
N PRO B 41 38.56 6.72 22.39
CA PRO B 41 38.32 7.32 23.69
C PRO B 41 37.70 8.71 23.51
N GLY B 42 36.62 8.95 24.23
CA GLY B 42 35.90 10.20 24.03
C GLY B 42 34.93 10.23 22.86
N THR B 43 34.81 9.15 22.10
CA THR B 43 33.85 9.02 21.00
C THR B 43 32.74 8.05 21.39
N ALA B 44 31.54 8.30 20.87
CA ALA B 44 30.53 7.26 20.88
C ALA B 44 31.02 6.08 20.06
N PRO B 45 30.67 4.86 20.43
CA PRO B 45 31.05 3.72 19.60
C PRO B 45 30.34 3.82 18.26
N LYS B 46 31.01 3.31 17.24
CA LYS B 46 30.47 3.29 15.89
C LYS B 46 30.18 1.85 15.48
N LEU B 47 29.04 1.62 14.86
CA LEU B 47 28.72 0.30 14.37
C LEU B 47 29.64 -0.07 13.22
N LEU B 48 30.29 -1.23 13.33
CA LEU B 48 31.18 -1.74 12.30
C LEU B 48 30.59 -2.91 11.54
N ILE B 49 29.88 -3.79 12.23
CA ILE B 49 29.40 -5.05 11.67
C ILE B 49 28.05 -5.31 12.30
N TYR B 50 27.05 -5.60 11.47
CA TYR B 50 25.75 -5.99 11.97
C TYR B 50 25.35 -7.30 11.32
N GLY B 51 24.41 -7.99 11.97
CA GLY B 51 23.98 -9.29 11.49
C GLY B 51 25.17 -10.15 11.15
N ASN B 52 26.07 -10.33 12.11
CA ASN B 52 27.22 -11.20 11.95
C ASN B 52 28.24 -10.67 10.94
N ASN B 53 27.89 -10.43 9.66
CA ASN B 53 28.98 -10.03 8.77
C ASN B 53 28.86 -8.72 7.97
N GLN B 54 27.75 -7.98 8.05
CA GLN B 54 27.53 -6.89 7.09
C GLN B 54 28.10 -5.57 7.59
N ARG B 55 28.99 -4.96 6.79
CA ARG B 55 29.44 -3.61 7.06
C ARG B 55 28.38 -2.62 6.61
N PRO B 56 27.89 -1.75 7.48
CA PRO B 56 27.09 -0.62 7.03
C PRO B 56 27.86 0.19 5.98
N SER B 57 27.10 0.91 5.17
CA SER B 57 27.67 1.82 4.19
C SER B 57 28.66 2.76 4.87
N GLY B 58 29.92 2.68 4.45
CA GLY B 58 30.95 3.50 5.06
C GLY B 58 31.86 2.78 6.03
N VAL B 59 32.23 1.54 5.69
CA VAL B 59 33.19 0.80 6.52
C VAL B 59 34.19 0.11 5.59
N PRO B 60 35.49 0.31 5.81
CA PRO B 60 36.51 -0.29 4.94
C PRO B 60 36.37 -1.80 4.85
N ASP B 61 36.56 -2.32 3.63
CA ASP B 61 36.43 -3.75 3.36
C ASP B 61 37.29 -4.60 4.28
N ARG B 62 38.35 -4.04 4.85
CA ARG B 62 39.26 -4.86 5.64
C ARG B 62 38.66 -5.30 6.96
N PHE B 63 37.58 -4.66 7.41
CA PHE B 63 36.88 -5.05 8.63
C PHE B 63 35.91 -6.19 8.30
N SER B 64 36.28 -7.42 8.64
CA SER B 64 35.41 -8.55 8.35
C SER B 64 35.05 -9.28 9.64
N GLY B 65 33.84 -9.82 9.69
CA GLY B 65 33.36 -10.48 10.87
C GLY B 65 32.67 -11.80 10.57
N SER B 66 33.03 -12.87 11.26
CA SER B 66 32.45 -14.19 11.04
C SER B 66 31.84 -14.70 12.33
N LYS B 67 31.29 -15.91 12.26
CA LYS B 67 30.67 -16.54 13.40
C LYS B 67 30.59 -18.03 13.14
N SER B 68 30.64 -18.81 14.22
CA SER B 68 30.37 -20.23 14.10
C SER B 68 30.13 -20.77 15.50
N GLY B 69 29.30 -21.81 15.60
CA GLY B 69 28.92 -22.35 16.89
C GLY B 69 28.53 -21.25 17.86
N THR B 70 29.42 -20.92 18.79
CA THR B 70 29.10 -20.01 19.88
C THR B 70 30.09 -18.85 19.96
N SER B 71 30.93 -18.68 18.96
CA SER B 71 31.93 -17.64 19.04
C SER B 71 32.04 -16.94 17.69
N ALA B 72 32.26 -15.64 17.73
CA ALA B 72 32.38 -14.82 16.55
C ALA B 72 33.72 -14.09 16.56
N SER B 73 34.15 -13.67 15.39
CA SER B 73 35.46 -13.06 15.22
C SER B 73 35.35 -11.85 14.31
N LEU B 74 36.05 -10.79 14.66
CA LEU B 74 36.23 -9.66 13.78
C LEU B 74 37.69 -9.60 13.34
N ALA B 75 37.92 -9.30 12.07
CA ALA B 75 39.25 -9.19 11.48
C ALA B 75 39.55 -7.76 11.10
N ILE B 76 40.81 -7.38 11.16
CA ILE B 76 41.26 -6.05 10.72
C ILE B 76 42.53 -6.27 9.91
N SER B 77 42.38 -6.46 8.60
CA SER B 77 43.53 -6.56 7.72
C SER B 77 44.08 -5.17 7.42
N GLY B 78 45.36 -5.12 7.06
CA GLY B 78 46.03 -3.86 6.79
C GLY B 78 45.97 -2.91 7.98
N LEU B 79 46.47 -3.36 9.12
CA LEU B 79 46.32 -2.63 10.37
C LEU B 79 47.02 -1.30 10.29
N ARG B 80 46.29 -0.22 10.51
CA ARG B 80 46.87 1.12 10.48
C ARG B 80 46.75 1.74 11.86
N SER B 81 47.52 2.83 12.06
CA SER B 81 47.51 3.51 13.36
C SER B 81 46.10 3.88 13.78
N GLU B 82 45.25 4.23 12.81
CA GLU B 82 43.89 4.66 13.10
C GLU B 82 43.05 3.57 13.72
N ASP B 83 43.41 2.30 13.51
CA ASP B 83 42.63 1.20 14.04
C ASP B 83 42.75 1.05 15.55
N GLU B 84 43.76 1.65 16.17
CA GLU B 84 43.94 1.54 17.62
C GLU B 84 42.70 2.08 18.31
N ALA B 85 41.99 1.22 19.03
CA ALA B 85 40.72 1.60 19.65
C ALA B 85 40.20 0.46 20.50
N ASP B 86 39.01 0.70 21.06
CA ASP B 86 38.24 -0.29 21.81
C ASP B 86 37.23 -0.94 20.89
N TYR B 87 37.15 -2.26 20.94
CA TYR B 87 36.27 -3.01 20.05
C TYR B 87 35.33 -3.86 20.90
N TYR B 88 34.01 -3.67 20.74
CA TYR B 88 33.02 -4.40 21.51
C TYR B 88 32.22 -5.31 20.59
N CYS B 89 31.99 -6.55 21.03
CA CYS B 89 31.09 -7.46 20.36
C CYS B 89 29.78 -7.46 21.12
N ALA B 90 28.66 -7.49 20.39
CA ALA B 90 27.37 -7.46 21.06
C ALA B 90 26.47 -8.52 20.45
N ALA B 91 25.33 -8.77 21.10
CA ALA B 91 24.46 -9.82 20.58
C ALA B 91 23.13 -9.78 21.30
N TRP B 92 22.07 -10.15 20.58
CA TRP B 92 20.81 -10.54 21.21
C TRP B 92 21.08 -11.77 22.09
N ASP B 93 20.22 -11.95 23.08
CA ASP B 93 20.39 -13.05 24.02
C ASP B 93 19.02 -13.31 24.61
N ASP B 94 18.58 -14.58 24.57
CA ASP B 94 17.20 -14.95 24.87
C ASP B 94 17.03 -15.51 26.27
N SER B 95 18.12 -15.94 26.90
CA SER B 95 18.10 -16.34 28.29
C SER B 95 17.93 -15.13 29.20
N LEU B 96 17.90 -15.40 30.50
CA LEU B 96 17.73 -14.35 31.51
C LEU B 96 18.84 -13.30 31.48
N SER B 97 19.99 -13.59 30.90
CA SER B 97 21.01 -12.57 30.76
C SER B 97 20.61 -11.49 29.76
N GLY B 98 19.66 -11.80 28.87
CA GLY B 98 19.33 -10.95 27.74
C GLY B 98 18.68 -9.63 28.11
N PRO B 99 18.02 -9.00 27.14
CA PRO B 99 17.84 -9.30 25.72
C PRO B 99 19.02 -8.91 24.84
N TRP B 100 19.72 -7.85 25.24
CA TRP B 100 20.95 -7.39 24.61
C TRP B 100 22.13 -7.58 25.57
N VAL B 101 23.26 -8.03 25.01
CA VAL B 101 24.47 -8.24 25.79
C VAL B 101 25.68 -7.73 25.04
N PHE B 102 26.63 -7.23 25.82
CA PHE B 102 27.87 -6.65 25.34
C PHE B 102 29.04 -7.55 25.72
N GLY B 103 30.17 -7.28 25.09
CA GLY B 103 31.43 -7.89 25.47
C GLY B 103 32.26 -6.96 26.33
N GLY B 104 33.23 -7.55 27.03
CA GLY B 104 34.10 -6.76 27.86
C GLY B 104 34.84 -5.68 27.12
N GLY B 105 35.07 -5.86 25.82
CA GLY B 105 35.93 -4.97 25.09
C GLY B 105 37.33 -5.54 24.90
N THR B 106 37.99 -5.08 23.82
CA THR B 106 39.36 -5.46 23.49
C THR B 106 40.10 -4.22 22.97
N GLN B 107 41.04 -3.70 23.75
CA GLN B 107 41.89 -2.62 23.25
C GLN B 107 42.93 -3.21 22.31
N VAL B 108 43.04 -2.67 21.10
CA VAL B 108 44.03 -3.16 20.15
C VAL B 108 45.05 -2.05 19.94
N THR B 109 46.31 -2.46 19.87
CA THR B 109 47.43 -1.53 19.81
C THR B 109 48.19 -1.80 18.52
N VAL B 110 48.30 -0.77 17.69
CA VAL B 110 49.30 -0.83 16.65
C VAL B 110 50.66 -0.70 17.33
N LEU B 111 51.50 -1.72 17.18
CA LEU B 111 52.76 -1.81 17.91
C LEU B 111 53.71 -0.74 17.42
N GLY B 112 53.74 0.40 18.08
CA GLY B 112 54.69 1.42 17.69
C GLY B 112 55.93 1.47 18.56
N GLN B 113 56.32 0.33 19.12
CA GLN B 113 57.26 0.23 20.22
C GLN B 113 57.37 -1.24 20.65
N PRO B 114 58.49 -1.66 21.24
CA PRO B 114 58.64 -3.08 21.61
C PRO B 114 57.89 -3.45 22.89
N LYS B 115 57.28 -4.64 22.86
CA LYS B 115 56.49 -5.08 24.00
C LYS B 115 57.39 -5.21 25.22
N ALA B 116 56.83 -4.86 26.38
CA ALA B 116 57.60 -4.76 27.62
C ALA B 116 56.73 -5.18 28.79
N ALA B 117 57.26 -6.07 29.62
CA ALA B 117 56.57 -6.51 30.81
C ALA B 117 56.61 -5.42 31.88
N PRO B 118 55.64 -5.41 32.79
CA PRO B 118 55.60 -4.38 33.82
C PRO B 118 56.16 -4.80 35.16
N SER B 119 56.52 -3.79 35.95
CA SER B 119 57.00 -3.95 37.31
C SER B 119 55.89 -3.51 38.26
N VAL B 120 55.64 -4.32 39.28
CA VAL B 120 54.63 -3.97 40.28
C VAL B 120 55.24 -4.09 41.67
N THR B 121 54.91 -3.14 42.53
CA THR B 121 55.14 -3.28 43.96
C THR B 121 53.81 -3.11 44.68
N LEU B 122 53.59 -3.95 45.70
CA LEU B 122 52.36 -3.95 46.49
C LEU B 122 52.67 -3.38 47.86
N PHE B 123 51.96 -2.34 48.23
CA PHE B 123 52.22 -1.85 49.58
C PHE B 123 51.15 -2.32 50.53
N PRO B 124 51.53 -2.72 51.75
CA PRO B 124 50.54 -2.99 52.78
C PRO B 124 50.13 -1.70 53.44
N PRO B 125 48.96 -1.65 54.08
CA PRO B 125 48.49 -0.38 54.64
C PRO B 125 49.39 0.06 55.78
N SER B 126 49.57 1.36 55.87
CA SER B 126 50.50 1.90 56.84
C SER B 126 49.86 1.85 58.23
N SER B 127 50.70 1.53 59.23
CA SER B 127 50.27 1.47 60.61
C SER B 127 49.55 2.73 61.04
N GLU B 128 49.97 3.88 60.49
CA GLU B 128 49.27 5.14 60.74
C GLU B 128 47.82 5.05 60.27
N GLU B 129 47.62 4.67 59.01
CA GLU B 129 46.26 4.57 58.45
C GLU B 129 45.44 3.55 59.21
N LEU B 130 46.01 2.37 59.47
CA LEU B 130 45.27 1.37 60.23
C LEU B 130 44.81 1.95 61.55
N GLN B 131 45.72 2.63 62.27
CA GLN B 131 45.38 3.25 63.55
C GLN B 131 44.21 4.20 63.44
N ALA B 132 43.87 4.65 62.22
CA ALA B 132 42.70 5.50 62.02
C ALA B 132 41.49 4.73 61.48
N ASN B 133 41.40 3.42 61.75
CA ASN B 133 40.23 2.59 61.41
C ASN B 133 40.03 2.46 59.89
N LYS B 134 41.13 2.30 59.15
CA LYS B 134 41.04 2.21 57.69
C LYS B 134 42.17 1.33 57.20
N ALA B 135 42.12 0.99 55.91
CA ALA B 135 43.08 0.07 55.32
C ALA B 135 43.05 0.21 53.81
N THR B 136 44.23 0.21 53.19
CA THR B 136 44.33 0.41 51.75
C THR B 136 45.63 -0.22 51.26
N LEU B 137 45.54 -1.19 50.37
CA LEU B 137 46.71 -1.75 49.74
C LEU B 137 46.96 -1.06 48.41
N VAL B 138 48.20 -0.75 48.15
CA VAL B 138 48.55 0.02 46.96
C VAL B 138 49.36 -0.88 46.05
N CYS B 139 48.86 -1.08 44.84
CA CYS B 139 49.54 -1.83 43.79
C CYS B 139 49.95 -0.87 42.69
N LEU B 140 51.25 -0.77 42.45
CA LEU B 140 51.77 0.19 41.48
C LEU B 140 52.38 -0.58 40.33
N ILE B 141 51.91 -0.32 39.11
CA ILE B 141 52.35 -1.03 37.93
C ILE B 141 52.99 -0.02 36.99
N SER B 142 54.04 -0.44 36.28
CA SER B 142 54.74 0.53 35.46
C SER B 142 55.54 -0.17 34.38
N ASP B 143 55.85 0.59 33.34
CA ASP B 143 56.83 0.22 32.32
C ASP B 143 56.34 -0.91 31.40
N PHE B 144 55.07 -0.89 31.01
CA PHE B 144 54.56 -1.92 30.12
C PHE B 144 54.17 -1.31 28.77
N TYR B 145 54.32 -2.13 27.70
CA TYR B 145 53.76 -1.90 26.35
C TYR B 145 53.28 -3.24 25.81
N PRO B 146 52.08 -3.30 25.19
CA PRO B 146 51.15 -2.17 25.00
C PRO B 146 50.40 -1.80 26.29
N GLY B 147 49.74 -0.63 26.23
CA GLY B 147 49.26 0.01 27.44
C GLY B 147 47.96 -0.49 28.01
N ALA B 148 47.85 -1.79 28.20
CA ALA B 148 46.58 -2.36 28.62
C ALA B 148 46.88 -3.52 29.53
N VAL B 149 46.31 -3.48 30.73
CA VAL B 149 46.50 -4.52 31.74
C VAL B 149 45.16 -4.78 32.39
N THR B 150 45.11 -5.82 33.21
CA THR B 150 43.89 -6.18 33.92
C THR B 150 44.33 -6.68 35.28
N VAL B 151 43.83 -6.02 36.33
CA VAL B 151 44.27 -6.24 37.70
C VAL B 151 43.19 -6.99 38.46
N ALA B 152 43.52 -8.18 38.93
CA ALA B 152 42.60 -9.01 39.68
C ALA B 152 43.07 -9.09 41.13
N TRP B 153 42.24 -8.57 42.04
CA TRP B 153 42.56 -8.64 43.45
C TRP B 153 42.08 -9.95 44.04
N LYS B 154 42.94 -10.54 44.87
CA LYS B 154 42.73 -11.86 45.43
C LYS B 154 43.10 -11.80 46.90
N ALA B 155 42.18 -12.27 47.75
CA ALA B 155 42.41 -12.33 49.20
C ALA B 155 42.50 -13.80 49.60
N ASP B 156 43.69 -14.22 50.01
CA ASP B 156 43.89 -15.54 50.58
C ASP B 156 43.42 -16.63 49.61
N SER B 157 43.83 -16.47 48.34
CA SER B 157 43.52 -17.37 47.23
C SER B 157 42.15 -17.10 46.61
N SER B 158 41.25 -16.39 47.30
CA SER B 158 39.96 -16.13 46.69
C SER B 158 39.85 -14.69 46.23
N PRO B 159 39.27 -14.47 45.05
CA PRO B 159 39.16 -13.11 44.51
C PRO B 159 38.31 -12.22 45.40
N VAL B 160 38.25 -10.93 45.08
CA VAL B 160 37.48 -10.01 45.91
C VAL B 160 36.57 -9.11 45.08
N LYS B 161 37.17 -8.33 44.18
CA LYS B 161 36.55 -7.35 43.27
C LYS B 161 35.75 -6.26 44.00
N ALA B 162 35.01 -6.60 45.06
CA ALA B 162 34.34 -5.56 45.86
C ALA B 162 35.39 -4.69 46.55
N GLY B 163 35.32 -3.38 46.32
CA GLY B 163 36.22 -2.45 46.98
C GLY B 163 37.52 -2.14 46.27
N VAL B 164 37.69 -2.57 45.02
CA VAL B 164 38.93 -2.35 44.27
C VAL B 164 38.69 -1.27 43.22
N GLU B 165 39.70 -0.43 43.01
CA GLU B 165 39.65 0.61 41.99
C GLU B 165 40.99 0.68 41.27
N THR B 166 40.94 1.03 39.98
CA THR B 166 42.09 0.92 39.11
C THR B 166 42.11 2.12 38.18
N THR B 167 43.20 2.88 38.21
CA THR B 167 43.37 3.94 37.26
C THR B 167 43.39 3.36 35.84
N THR B 168 43.11 4.21 34.88
CA THR B 168 43.36 3.78 33.51
C THR B 168 44.85 3.90 33.20
N PRO B 169 45.43 2.92 32.53
CA PRO B 169 46.84 3.02 32.12
C PRO B 169 47.13 4.35 31.43
N SER B 170 48.30 4.92 31.75
CA SER B 170 48.70 6.21 31.18
C SER B 170 50.09 6.09 30.58
N LYS B 171 50.17 6.34 29.27
CA LYS B 171 51.44 6.44 28.56
C LYS B 171 52.09 7.76 28.91
N GLN B 172 52.37 7.98 30.20
CA GLN B 172 53.33 9.01 30.55
C GLN B 172 54.17 8.54 31.73
N SER B 173 54.62 7.30 31.63
CA SER B 173 55.84 6.90 32.30
C SER B 173 57.02 7.77 31.87
N ASN B 174 56.82 8.64 30.85
CA ASN B 174 57.89 9.28 30.07
C ASN B 174 58.64 8.25 29.25
N ASN B 175 57.91 7.21 28.85
CA ASN B 175 58.35 6.23 27.88
C ASN B 175 57.11 5.38 27.54
N LYS B 176 56.70 4.55 28.50
CA LYS B 176 55.61 3.60 28.33
C LYS B 176 54.47 3.90 29.29
N TYR B 177 53.77 2.85 29.72
CA TYR B 177 52.47 3.00 30.35
C TYR B 177 52.54 2.59 31.81
N ALA B 178 51.84 3.32 32.66
CA ALA B 178 51.82 3.01 34.08
C ALA B 178 50.38 2.98 34.54
N ALA B 179 50.18 2.37 35.70
CA ALA B 179 48.86 2.29 36.28
C ALA B 179 48.99 1.86 37.73
N SER B 180 47.96 2.15 38.49
CA SER B 180 47.89 1.88 39.91
C SER B 180 46.53 1.27 40.23
N SER B 181 46.48 0.46 41.28
CA SER B 181 45.20 -0.07 41.72
C SER B 181 45.20 -0.24 43.23
N TYR B 182 44.20 0.34 43.88
CA TYR B 182 44.06 0.43 45.32
C TYR B 182 42.90 -0.45 45.77
N LEU B 183 43.13 -1.30 46.77
CA LEU B 183 42.09 -2.14 47.35
C LEU B 183 41.82 -1.73 48.79
N SER B 184 40.56 -1.43 49.09
CA SER B 184 40.16 -0.88 50.38
C SER B 184 39.51 -1.96 51.25
N LEU B 185 39.75 -1.87 52.55
CA LEU B 185 39.32 -2.86 53.52
C LEU B 185 39.08 -2.19 54.86
N THR B 186 38.32 -2.87 55.67
CA THR B 186 38.28 -2.68 57.10
C THR B 186 39.56 -3.26 57.69
N PRO B 187 40.06 -2.69 58.79
CA PRO B 187 41.22 -3.30 59.47
C PRO B 187 40.98 -4.73 59.94
N GLU B 188 39.72 -5.07 60.22
CA GLU B 188 39.37 -6.42 60.64
C GLU B 188 39.78 -7.45 59.58
N GLN B 189 39.32 -7.28 58.33
CA GLN B 189 39.58 -8.31 57.34
C GLN B 189 41.01 -8.28 56.80
N TRP B 190 41.76 -7.21 57.06
CA TRP B 190 43.18 -7.23 56.72
C TRP B 190 43.91 -8.21 57.62
N LYS B 191 43.93 -7.93 58.93
CA LYS B 191 44.62 -8.83 59.86
C LYS B 191 44.02 -10.23 59.87
N SER B 192 42.73 -10.37 59.53
CA SER B 192 42.11 -11.69 59.45
C SER B 192 42.84 -12.63 58.49
N HIS B 193 42.62 -12.43 57.18
CA HIS B 193 43.13 -13.32 56.14
C HIS B 193 44.65 -13.51 56.22
N ARG B 194 45.15 -14.62 55.67
CA ARG B 194 46.57 -14.91 55.74
C ARG B 194 47.37 -13.94 54.86
N SER B 195 46.87 -13.66 53.65
CA SER B 195 47.61 -12.87 52.68
C SER B 195 46.66 -12.29 51.63
N TYR B 196 46.89 -11.04 51.28
CA TYR B 196 46.24 -10.38 50.17
C TYR B 196 47.24 -10.22 49.04
N SER B 197 46.77 -10.32 47.80
CA SER B 197 47.71 -10.22 46.70
C SER B 197 47.13 -9.49 45.50
N CYS B 198 48.01 -8.74 44.86
CA CYS B 198 47.72 -8.01 43.63
C CYS B 198 48.11 -8.87 42.41
N GLN B 199 47.13 -9.23 41.59
CA GLN B 199 47.37 -10.07 40.41
C GLN B 199 47.11 -9.24 39.16
N VAL B 200 48.17 -8.97 38.41
CA VAL B 200 48.10 -8.12 37.22
C VAL B 200 48.49 -8.95 36.01
N THR B 201 47.62 -8.98 35.00
CA THR B 201 47.89 -9.68 33.77
C THR B 201 48.14 -8.69 32.66
N HIS B 202 49.27 -8.85 31.96
CA HIS B 202 49.61 -8.04 30.79
C HIS B 202 49.89 -8.97 29.64
N GLU B 203 49.02 -8.94 28.63
CA GLU B 203 49.22 -9.69 27.39
C GLU B 203 49.52 -11.16 27.69
N GLY B 204 48.50 -11.82 28.22
CA GLY B 204 48.62 -13.24 28.54
C GLY B 204 49.74 -13.58 29.50
N SER B 205 50.14 -12.65 30.36
CA SER B 205 51.18 -12.90 31.36
C SER B 205 50.85 -12.17 32.65
N THR B 206 51.11 -12.84 33.78
CA THR B 206 50.70 -12.35 35.10
C THR B 206 51.88 -12.39 36.06
N VAL B 207 52.27 -11.21 36.55
CA VAL B 207 53.12 -11.07 37.73
C VAL B 207 52.20 -10.75 38.91
N GLU B 208 52.59 -11.21 40.10
CA GLU B 208 51.72 -11.10 41.26
C GLU B 208 52.56 -10.90 42.51
N LYS B 209 52.26 -9.86 43.30
CA LYS B 209 52.86 -9.69 44.60
C LYS B 209 51.82 -9.93 45.68
N THR B 210 52.28 -10.39 46.85
CA THR B 210 51.39 -10.72 47.97
C THR B 210 52.00 -10.16 49.23
N VAL B 211 51.19 -9.50 50.05
CA VAL B 211 51.62 -8.99 51.33
C VAL B 211 50.80 -9.64 52.42
N ALA B 212 51.24 -9.44 53.67
CA ALA B 212 50.56 -10.06 54.81
C ALA B 212 50.98 -9.33 56.08
N PRO B 213 50.13 -9.32 57.11
CA PRO B 213 50.45 -8.75 58.43
C PRO B 213 50.96 -9.78 59.46
N PRO C 22 -26.12 13.27 3.06
CA PRO C 22 -27.53 13.40 2.67
C PRO C 22 -27.73 13.39 1.15
N GLY C 23 -26.87 14.11 0.41
CA GLY C 23 -26.83 14.02 -1.03
C GLY C 23 -25.78 13.03 -1.53
N ALA C 24 -25.96 12.55 -2.76
CA ALA C 24 -25.13 11.49 -3.33
C ALA C 24 -25.09 10.29 -2.40
N LYS C 25 -26.12 9.44 -2.46
CA LYS C 25 -26.29 8.37 -1.47
C LYS C 25 -25.22 7.30 -1.60
N GLN C 26 -24.54 7.20 -2.75
CA GLN C 26 -23.42 6.27 -2.82
C GLN C 26 -22.17 6.88 -2.17
N ASN C 27 -22.24 6.99 -0.87
CA ASN C 27 -21.09 6.68 -0.06
C ASN C 27 -21.60 6.04 1.21
N ILE C 28 -21.20 4.79 1.41
CA ILE C 28 -21.44 4.05 2.63
C ILE C 28 -20.21 3.23 2.97
N GLN C 29 -19.02 3.74 2.64
CA GLN C 29 -17.81 3.04 3.10
C GLN C 29 -17.71 3.08 4.64
N LEU C 30 -18.87 3.12 5.31
CA LEU C 30 -18.95 3.12 6.77
C LEU C 30 -19.12 1.67 7.24
N ILE C 31 -17.99 0.97 7.38
CA ILE C 31 -18.06 -0.37 7.96
C ILE C 31 -16.89 -0.62 8.91
N ASN C 32 -16.73 0.24 9.94
CA ASN C 32 -15.60 0.13 10.85
C ASN C 32 -14.29 0.08 10.07
N THR C 33 -13.89 1.21 9.48
CA THR C 33 -12.50 1.40 9.10
C THR C 33 -11.90 2.36 10.11
N ASN C 34 -12.00 2.00 11.40
CA ASN C 34 -11.74 2.89 12.54
C ASN C 34 -10.25 3.23 12.65
N GLY C 35 -9.95 4.13 13.58
CA GLY C 35 -8.58 4.54 13.84
C GLY C 35 -8.13 5.79 13.10
N SER C 36 -8.87 6.26 12.10
CA SER C 36 -8.51 7.44 11.31
C SER C 36 -9.26 8.67 11.83
N TRP C 37 -8.50 9.69 12.25
CA TRP C 37 -9.04 10.89 12.89
C TRP C 37 -10.32 11.38 12.19
N HIS C 38 -10.30 11.44 10.86
CA HIS C 38 -11.49 11.69 10.05
C HIS C 38 -11.49 10.76 8.83
N LEU C 39 -12.67 10.57 8.24
CA LEU C 39 -12.81 9.72 7.06
C LEU C 39 -12.03 10.29 5.87
N ASN C 40 -11.83 11.62 5.82
CA ASN C 40 -11.03 12.26 4.78
C ASN C 40 -9.57 11.85 4.81
N ARG C 41 -9.20 10.93 5.70
CA ARG C 41 -7.86 10.40 5.76
C ARG C 41 -7.66 9.16 4.91
N THR C 42 -8.73 8.62 4.34
CA THR C 42 -8.63 7.46 3.46
C THR C 42 -8.29 7.88 2.04
N ALA C 43 -7.41 7.13 1.40
CA ALA C 43 -7.08 7.39 0.02
C ALA C 43 -8.02 6.59 -0.88
N LEU C 44 -8.70 7.27 -1.78
CA LEU C 44 -9.85 6.72 -2.45
C LEU C 44 -9.75 7.04 -3.94
N ASN C 45 -8.75 6.46 -4.57
CA ASN C 45 -8.47 6.62 -5.99
C ASN C 45 -8.67 5.25 -6.64
N CYS C 46 -9.89 4.98 -7.09
CA CYS C 46 -10.27 3.67 -7.57
C CYS C 46 -10.74 3.76 -9.03
N ASN C 47 -10.41 2.76 -9.85
CA ASN C 47 -10.65 2.89 -11.27
C ASN C 47 -11.52 1.78 -11.87
N ASP C 48 -11.36 0.51 -11.50
CA ASP C 48 -12.17 -0.58 -12.10
C ASP C 48 -12.28 -0.49 -13.61
N SER C 49 -11.17 -0.18 -14.27
CA SER C 49 -11.23 0.17 -15.68
C SER C 49 -11.64 -1.02 -16.54
N LEU C 50 -11.43 -2.25 -16.08
CA LEU C 50 -11.94 -3.41 -16.82
C LEU C 50 -13.32 -3.84 -16.39
N ASN C 51 -13.95 -3.11 -15.48
CA ASN C 51 -15.33 -3.38 -15.10
C ASN C 51 -15.52 -4.84 -14.68
N THR C 52 -15.01 -5.18 -13.50
CA THR C 52 -15.16 -6.52 -12.99
C THR C 52 -15.95 -6.60 -11.69
N GLY C 53 -16.23 -5.48 -11.05
CA GLY C 53 -16.92 -5.52 -9.80
C GLY C 53 -16.04 -5.38 -8.56
N TRP C 54 -14.72 -5.52 -8.70
CA TRP C 54 -13.86 -5.41 -7.51
C TRP C 54 -14.15 -4.17 -6.71
N LEU C 55 -14.30 -3.00 -7.36
CA LEU C 55 -14.46 -1.78 -6.57
C LEU C 55 -15.76 -1.81 -5.77
N ALA C 56 -16.82 -2.41 -6.32
CA ALA C 56 -18.04 -2.62 -5.54
C ALA C 56 -17.80 -3.41 -4.25
N GLY C 57 -16.69 -4.16 -4.16
CA GLY C 57 -16.43 -4.94 -2.97
C GLY C 57 -16.05 -4.09 -1.77
N LEU C 58 -15.64 -2.86 -2.02
CA LEU C 58 -15.38 -1.93 -0.92
C LEU C 58 -16.62 -1.68 -0.11
N PHE C 59 -17.82 -1.79 -0.73
CA PHE C 59 -19.08 -1.45 -0.09
C PHE C 59 -20.00 -2.64 0.15
N TYR C 60 -19.78 -3.76 -0.52
CA TYR C 60 -20.67 -4.91 -0.45
C TYR C 60 -19.79 -6.12 -0.17
N HIS C 61 -19.93 -6.68 1.02
CA HIS C 61 -18.80 -7.40 1.58
C HIS C 61 -18.92 -8.91 1.49
N HIS C 62 -20.12 -9.45 1.31
CA HIS C 62 -20.20 -10.90 1.29
C HIS C 62 -20.75 -11.30 -0.06
N LYS C 63 -20.11 -10.80 -1.12
CA LYS C 63 -20.57 -11.03 -2.49
C LYS C 63 -19.46 -11.54 -3.39
N PHE C 64 -18.31 -11.89 -2.84
CA PHE C 64 -17.20 -12.27 -3.70
C PHE C 64 -17.51 -13.54 -4.45
N ASN C 65 -17.19 -13.54 -5.74
CA ASN C 65 -17.37 -14.70 -6.61
C ASN C 65 -16.08 -15.49 -6.50
N SER C 66 -16.11 -16.55 -5.69
CA SER C 66 -14.91 -17.31 -5.36
C SER C 66 -14.69 -18.48 -6.29
N SER C 67 -15.35 -18.49 -7.46
CA SER C 67 -15.32 -19.66 -8.31
C SER C 67 -13.96 -19.84 -8.99
N GLY C 68 -13.22 -18.74 -9.19
CA GLY C 68 -11.87 -18.87 -9.71
C GLY C 68 -10.80 -19.17 -8.67
N CYS C 69 -11.15 -19.14 -7.36
CA CYS C 69 -10.14 -19.14 -6.30
C CYS C 69 -9.40 -20.47 -6.20
N PRO C 70 -10.07 -21.63 -6.09
CA PRO C 70 -9.31 -22.88 -5.89
C PRO C 70 -8.19 -23.06 -6.88
N GLU C 71 -8.37 -22.55 -8.09
CA GLU C 71 -7.25 -22.53 -9.03
C GLU C 71 -6.17 -21.56 -8.58
N ARG C 72 -6.53 -20.36 -8.14
CA ARG C 72 -5.51 -19.36 -7.82
C ARG C 72 -4.62 -19.84 -6.68
N MET C 73 -5.19 -20.51 -5.67
CA MET C 73 -4.39 -20.95 -4.54
C MET C 73 -3.90 -22.38 -4.65
N ALA C 74 -4.31 -23.12 -5.70
CA ALA C 74 -3.58 -24.31 -6.08
C ALA C 74 -2.13 -23.98 -6.42
N SER C 75 -1.90 -22.77 -6.95
CA SER C 75 -0.57 -22.36 -7.36
C SER C 75 0.39 -22.31 -6.18
N CYS C 76 -0.11 -22.01 -4.99
CA CYS C 76 0.81 -21.92 -3.88
C CYS C 76 0.98 -23.26 -3.20
N ARG C 77 2.15 -23.42 -2.62
CA ARG C 77 2.76 -24.68 -2.30
C ARG C 77 2.94 -24.77 -0.79
N PRO C 78 2.59 -25.90 -0.16
CA PRO C 78 2.56 -25.95 1.31
C PRO C 78 3.95 -25.85 1.92
N LEU C 79 3.98 -25.55 3.22
CA LEU C 79 5.24 -25.47 3.95
C LEU C 79 6.01 -26.79 3.90
N THR C 80 5.30 -27.89 3.64
CA THR C 80 5.92 -29.21 3.57
C THR C 80 7.06 -29.25 2.55
N ASP C 81 7.11 -28.29 1.62
CA ASP C 81 8.25 -28.15 0.71
C ASP C 81 9.25 -27.20 1.36
N PHE C 82 10.16 -27.79 2.13
CA PHE C 82 11.15 -27.10 2.95
C PHE C 82 11.82 -28.23 3.72
N ASP C 83 12.97 -27.97 4.33
CA ASP C 83 13.67 -29.08 4.97
C ASP C 83 14.22 -28.64 6.31
N GLN C 84 14.02 -29.47 7.32
CA GLN C 84 14.64 -29.24 8.62
C GLN C 84 16.15 -29.44 8.50
N GLY C 85 16.87 -28.90 9.48
CA GLY C 85 18.31 -28.77 9.43
C GLY C 85 18.73 -27.31 9.48
N TRP C 86 19.71 -26.96 8.64
CA TRP C 86 20.21 -25.58 8.51
C TRP C 86 20.50 -25.07 9.93
N GLY C 87 19.95 -23.93 10.34
CA GLY C 87 20.34 -23.33 11.59
C GLY C 87 20.78 -21.87 11.53
N PRO C 88 21.46 -21.44 10.43
CA PRO C 88 21.87 -20.02 10.31
C PRO C 88 20.87 -19.11 9.61
N ILE C 89 19.80 -18.76 10.33
CA ILE C 89 18.77 -17.92 9.73
C ILE C 89 19.30 -16.52 9.53
N SER C 90 19.31 -16.06 8.28
CA SER C 90 19.59 -14.67 8.03
C SER C 90 18.29 -13.98 7.61
N HIS C 91 18.42 -12.79 7.04
CA HIS C 91 17.28 -12.10 6.48
C HIS C 91 17.67 -11.65 5.09
N ALA C 92 16.65 -11.43 4.26
CA ALA C 92 16.85 -11.02 2.88
C ALA C 92 15.69 -10.13 2.48
N ASN C 93 15.94 -9.21 1.55
CA ASN C 93 14.87 -8.40 1.00
C ASN C 93 13.99 -9.26 0.07
N GLY C 94 12.67 -9.13 0.22
CA GLY C 94 11.76 -9.85 -0.64
C GLY C 94 11.80 -9.33 -2.07
N SER C 95 11.21 -10.10 -2.97
CA SER C 95 11.18 -9.71 -4.38
C SER C 95 10.13 -8.63 -4.63
N GLY C 96 8.91 -8.85 -4.15
CA GLY C 96 7.74 -8.14 -4.61
C GLY C 96 7.39 -8.44 -6.06
N PRO C 97 7.21 -9.71 -6.42
CA PRO C 97 6.80 -10.04 -7.77
C PRO C 97 5.41 -9.51 -8.06
N ASP C 98 5.10 -9.44 -9.36
CA ASP C 98 3.78 -8.93 -9.77
C ASP C 98 2.67 -9.89 -9.49
N GLN C 99 2.97 -11.07 -8.96
CA GLN C 99 1.96 -11.93 -8.39
C GLN C 99 1.16 -11.15 -7.35
N ARG C 100 -0.14 -11.35 -7.39
CA ARG C 100 -0.97 -10.96 -6.25
C ARG C 100 -0.54 -11.75 -5.02
N PRO C 101 -0.46 -11.11 -3.87
CA PRO C 101 0.04 -11.81 -2.69
C PRO C 101 -1.04 -12.63 -2.00
N TYR C 102 -1.91 -13.30 -2.78
CA TYR C 102 -2.91 -14.16 -2.16
C TYR C 102 -2.26 -15.30 -1.39
N CYS C 103 -1.03 -15.67 -1.76
CA CYS C 103 -0.32 -16.74 -1.07
C CYS C 103 0.46 -16.21 0.13
N TRP C 104 0.45 -16.98 1.22
CA TRP C 104 1.25 -16.64 2.39
C TRP C 104 2.72 -16.45 2.05
N HIS C 105 3.35 -17.47 1.42
CA HIS C 105 4.77 -17.49 1.07
C HIS C 105 5.25 -16.21 0.38
N TYR C 106 4.35 -15.40 -0.15
CA TYR C 106 4.76 -14.23 -0.92
C TYR C 106 5.77 -13.42 -0.11
N PRO C 107 6.93 -13.10 -0.66
CA PRO C 107 7.89 -12.25 0.02
C PRO C 107 7.65 -10.79 -0.33
N PRO C 108 7.05 -10.03 0.57
CA PRO C 108 6.75 -8.62 0.28
C PRO C 108 7.98 -7.83 -0.11
N ARG C 109 7.75 -6.71 -0.81
CA ARG C 109 8.80 -5.73 -0.93
C ARG C 109 8.97 -4.98 0.39
N PRO C 110 10.17 -4.50 0.67
CA PRO C 110 10.37 -3.68 1.87
C PRO C 110 9.43 -2.49 1.90
N CYS C 111 8.79 -2.28 3.06
CA CYS C 111 7.85 -1.18 3.22
C CYS C 111 8.51 0.16 2.95
N GLY C 112 7.75 1.06 2.34
CA GLY C 112 8.31 2.34 1.92
C GLY C 112 7.31 3.47 1.96
N ILE C 113 7.61 4.53 1.23
CA ILE C 113 6.77 5.70 1.09
C ILE C 113 5.94 5.54 -0.17
N VAL C 114 4.65 5.22 -0.06
CA VAL C 114 3.82 4.93 -1.24
C VAL C 114 2.89 6.10 -1.50
N PRO C 115 2.84 6.62 -2.72
CA PRO C 115 1.91 7.71 -3.06
C PRO C 115 0.45 7.29 -2.94
N ALA C 116 -0.37 8.16 -2.33
CA ALA C 116 -1.80 7.92 -2.24
C ALA C 116 -2.48 7.98 -3.59
N LYS C 117 -1.84 8.61 -4.57
CA LYS C 117 -2.30 8.62 -5.96
C LYS C 117 -2.52 7.21 -6.50
N THR C 118 -1.97 6.19 -5.82
CA THR C 118 -1.96 4.84 -6.32
C THR C 118 -2.86 3.89 -5.54
N VAL C 119 -3.55 4.35 -4.50
CA VAL C 119 -4.23 3.40 -3.61
C VAL C 119 -5.69 3.75 -3.44
N CYS C 120 -6.46 2.72 -3.08
CA CYS C 120 -7.92 2.77 -3.01
C CYS C 120 -8.39 2.08 -1.74
N GLY C 121 -8.97 2.83 -0.82
CA GLY C 121 -9.47 2.22 0.41
C GLY C 121 -8.46 2.17 1.56
N PRO C 122 -8.92 1.69 2.71
CA PRO C 122 -8.08 1.76 3.91
C PRO C 122 -6.79 0.99 3.71
N VAL C 123 -5.75 1.46 4.39
CA VAL C 123 -4.47 0.77 4.41
C VAL C 123 -4.24 0.20 5.81
N TYR C 124 -3.93 -1.09 5.86
CA TYR C 124 -3.75 -1.79 7.12
C TYR C 124 -2.32 -2.28 7.26
N CYS C 125 -1.71 -2.04 8.44
CA CYS C 125 -0.50 -2.74 8.84
C CYS C 125 -0.79 -3.60 10.07
N PHE C 126 0.18 -4.46 10.39
CA PHE C 126 -0.03 -5.60 11.28
C PHE C 126 1.09 -5.71 12.30
N THR C 127 0.73 -5.56 13.57
CA THR C 127 1.63 -5.42 14.72
C THR C 127 1.88 -6.64 15.61
N PRO C 128 1.23 -7.80 15.42
CA PRO C 128 0.40 -8.36 14.34
C PRO C 128 -0.98 -7.72 14.29
N SER C 129 -1.47 -7.24 15.41
CA SER C 129 -2.82 -6.69 15.48
C SER C 129 -3.03 -5.67 14.37
N PRO C 130 -4.21 -5.66 13.73
CA PRO C 130 -4.44 -4.78 12.58
C PRO C 130 -4.47 -3.33 12.98
N VAL C 131 -3.83 -2.51 12.17
CA VAL C 131 -3.82 -1.07 12.41
C VAL C 131 -4.00 -0.36 11.07
N VAL C 132 -4.47 0.89 11.14
CA VAL C 132 -4.81 1.68 9.96
C VAL C 132 -3.85 2.85 9.81
N VAL C 133 -3.40 3.10 8.58
CA VAL C 133 -2.54 4.22 8.28
C VAL C 133 -3.31 5.22 7.45
N GLY C 134 -3.31 6.47 7.89
CA GLY C 134 -3.93 7.55 7.18
C GLY C 134 -2.89 8.32 6.39
N THR C 135 -3.37 9.23 5.57
CA THR C 135 -2.52 9.91 4.61
C THR C 135 -1.81 11.05 5.29
N THR C 136 -0.52 11.24 4.96
CA THR C 136 0.24 12.27 5.64
C THR C 136 1.05 13.09 4.65
N ASP C 137 1.73 14.10 5.20
CA ASP C 137 2.41 15.19 4.52
C ASP C 137 3.73 14.78 3.86
N ARG C 138 4.13 13.51 3.96
CA ARG C 138 5.48 13.03 3.65
C ARG C 138 6.46 13.51 4.73
N ALA C 139 6.36 14.77 5.13
CA ALA C 139 6.94 15.15 6.41
C ALA C 139 6.34 14.31 7.53
N GLY C 140 5.05 14.02 7.43
CA GLY C 140 4.37 13.20 8.42
C GLY C 140 3.12 13.83 8.99
N ALA C 141 2.74 15.02 8.49
CA ALA C 141 1.60 15.73 9.07
C ALA C 141 0.29 15.17 8.51
N PRO C 142 -0.72 15.00 9.35
CA PRO C 142 -1.97 14.38 8.89
C PRO C 142 -2.63 15.19 7.78
N ALA C 143 -2.92 14.52 6.66
CA ALA C 143 -3.59 15.12 5.52
C ALA C 143 -5.05 14.68 5.48
N TYR C 144 -5.92 15.59 5.02
CA TYR C 144 -7.35 15.33 5.02
C TYR C 144 -7.95 15.61 3.64
N ASN C 145 -7.28 15.17 2.59
CA ASN C 145 -7.69 15.48 1.23
C ASN C 145 -8.07 14.23 0.43
N TRP C 146 -8.60 13.22 1.11
CA TRP C 146 -9.04 11.99 0.45
C TRP C 146 -7.96 11.31 -0.38
N GLY C 147 -6.75 11.85 -0.35
CA GLY C 147 -5.65 11.29 -1.11
C GLY C 147 -5.51 11.86 -2.50
N GLU C 148 -5.98 13.09 -2.75
CA GLU C 148 -5.96 13.66 -4.10
C GLU C 148 -4.60 14.26 -4.42
N ASN C 149 -4.11 15.11 -3.55
CA ASN C 149 -2.92 15.88 -3.87
C ASN C 149 -1.70 14.97 -3.82
N ASP C 150 -0.74 15.27 -4.71
CA ASP C 150 0.52 14.55 -4.72
C ASP C 150 1.31 14.76 -3.41
N THR C 151 0.90 15.71 -2.57
CA THR C 151 1.48 15.81 -1.23
C THR C 151 0.89 14.80 -0.25
N ASP C 152 -0.14 14.05 -0.65
CA ASP C 152 -0.73 13.03 0.20
C ASP C 152 -0.01 11.70 -0.06
N VAL C 153 0.66 11.16 0.98
CA VAL C 153 1.25 9.83 0.90
C VAL C 153 1.01 9.08 2.21
N PHE C 154 1.30 7.78 2.19
CA PHE C 154 1.42 6.96 3.39
C PHE C 154 2.90 6.65 3.66
N VAL C 155 3.36 6.90 4.88
CA VAL C 155 4.73 6.52 5.26
C VAL C 155 4.69 5.16 5.95
N LEU C 156 5.20 4.14 5.27
CA LEU C 156 5.08 2.80 5.78
C LEU C 156 6.39 2.16 6.20
N ASN C 157 7.52 2.90 6.13
CA ASN C 157 8.81 2.42 6.60
C ASN C 157 8.66 1.79 7.99
N ASN C 158 9.28 0.63 8.18
CA ASN C 158 8.95 -0.14 9.37
C ASN C 158 10.13 -0.99 9.82
N THR C 159 10.05 -1.39 11.09
CA THR C 159 10.91 -2.39 11.71
C THR C 159 10.05 -3.33 12.52
N ARG C 160 10.47 -4.59 12.58
CA ARG C 160 9.66 -5.54 13.30
C ARG C 160 9.52 -5.11 14.76
N PRO C 161 8.32 -5.13 15.30
CA PRO C 161 8.18 -5.05 16.73
C PRO C 161 8.97 -6.18 17.38
N PRO C 162 9.17 -6.10 18.68
CA PRO C 162 8.69 -5.14 19.67
C PRO C 162 9.29 -3.76 19.53
N LEU C 163 10.57 -3.66 19.19
CA LEU C 163 11.16 -2.33 19.02
C LEU C 163 10.42 -1.56 17.94
N GLY C 164 10.26 -2.17 16.77
CA GLY C 164 9.60 -1.50 15.67
C GLY C 164 8.11 -1.30 15.83
N ASN C 165 7.44 -0.98 14.71
CA ASN C 165 6.08 -0.48 14.67
C ASN C 165 5.06 -1.54 14.23
N TRP C 166 5.29 -2.16 13.06
CA TRP C 166 4.45 -3.24 12.56
C TRP C 166 5.28 -4.15 11.67
N PHE C 167 4.77 -5.37 11.44
CA PHE C 167 5.53 -6.31 10.61
C PHE C 167 5.34 -6.03 9.11
N GLY C 168 4.15 -5.59 8.69
CA GLY C 168 3.92 -5.32 7.27
C GLY C 168 2.53 -4.73 7.02
N CYS C 169 2.30 -4.34 5.76
CA CYS C 169 1.04 -3.68 5.39
C CYS C 169 0.48 -4.20 4.08
N THR C 170 -0.84 -4.15 3.96
CA THR C 170 -1.50 -4.48 2.69
C THR C 170 -2.58 -3.46 2.38
N TRP C 171 -2.79 -3.23 1.10
CA TRP C 171 -3.79 -2.28 0.64
C TRP C 171 -4.18 -2.62 -0.80
N MET C 172 -5.00 -1.76 -1.41
CA MET C 172 -5.50 -2.03 -2.74
C MET C 172 -5.01 -0.99 -3.73
N ASN C 173 -4.48 -1.49 -4.85
CA ASN C 173 -4.24 -0.70 -6.05
C ASN C 173 -5.41 0.17 -6.48
N SER C 174 -5.08 1.24 -7.20
CA SER C 174 -6.09 2.04 -7.85
C SER C 174 -6.95 1.21 -8.81
N THR C 175 -6.40 0.11 -9.34
CA THR C 175 -7.06 -0.66 -10.39
C THR C 175 -7.42 -2.07 -9.95
N GLY C 176 -7.59 -2.31 -8.66
CA GLY C 176 -8.04 -3.61 -8.19
C GLY C 176 -6.98 -4.69 -7.98
N PHE C 177 -5.79 -4.30 -7.53
CA PHE C 177 -4.71 -5.25 -7.22
C PHE C 177 -4.28 -5.08 -5.77
N THR C 178 -4.29 -6.17 -5.00
CA THR C 178 -3.82 -6.06 -3.62
C THR C 178 -2.31 -5.92 -3.56
N LYS C 179 -1.83 -4.94 -2.80
CA LYS C 179 -0.42 -4.64 -2.71
C LYS C 179 0.09 -5.00 -1.32
N ALA C 180 1.38 -5.39 -1.26
CA ALA C 180 1.97 -5.92 -0.03
C ALA C 180 3.37 -5.39 0.18
N CYS C 181 3.67 -5.18 1.46
CA CYS C 181 4.72 -4.29 1.93
C CYS C 181 5.20 -4.89 3.22
N GLY C 182 6.49 -5.20 3.33
CA GLY C 182 6.87 -5.94 4.52
C GLY C 182 8.33 -5.88 4.90
N ALA C 183 8.59 -6.37 6.12
CA ALA C 183 9.91 -6.55 6.67
C ALA C 183 10.60 -7.77 6.04
N PRO C 184 11.91 -7.74 5.91
CA PRO C 184 12.62 -8.80 5.17
C PRO C 184 12.32 -10.16 5.73
N PRO C 185 11.91 -11.10 4.88
CA PRO C 185 11.68 -12.49 5.33
C PRO C 185 12.97 -13.14 5.83
N CYS C 186 12.81 -14.34 6.39
CA CYS C 186 13.98 -15.06 6.89
C CYS C 186 14.62 -15.84 5.77
N ALA C 187 15.93 -16.00 5.85
CA ALA C 187 16.65 -16.83 4.88
C ALA C 187 16.95 -18.17 5.52
N ILE C 188 16.78 -19.23 4.73
CA ILE C 188 17.19 -20.57 5.12
C ILE C 188 16.27 -21.26 6.12
N LEU C 196 16.22 -20.44 0.66
CA LEU C 196 15.04 -20.85 1.40
C LEU C 196 14.50 -19.67 2.22
N TYR C 197 13.26 -19.20 1.96
CA TYR C 197 12.81 -17.95 2.57
C TYR C 197 11.41 -18.06 3.17
N CYS C 198 11.26 -17.55 4.39
CA CYS C 198 10.05 -17.73 5.22
C CYS C 198 9.54 -16.40 5.76
N PRO C 199 8.47 -15.84 5.22
CA PRO C 199 7.98 -14.54 5.70
C PRO C 199 6.85 -14.63 6.73
N THR C 200 6.66 -15.80 7.32
CA THR C 200 5.66 -15.99 8.37
C THR C 200 6.28 -16.85 9.47
N ASP C 201 5.47 -17.59 10.21
CA ASP C 201 5.97 -18.56 11.14
C ASP C 201 6.00 -19.92 10.46
N CYS C 202 7.19 -20.40 10.11
CA CYS C 202 7.36 -21.78 9.71
C CYS C 202 8.36 -22.47 10.65
N PHE C 203 7.88 -22.71 11.88
CA PHE C 203 8.62 -23.29 13.00
C PHE C 203 8.94 -24.76 12.78
N ARG C 204 8.22 -25.44 11.89
CA ARG C 204 8.50 -26.85 11.63
C ARG C 204 9.81 -27.05 10.89
N LYS C 205 10.17 -26.11 10.03
CA LYS C 205 11.39 -26.23 9.24
C LYS C 205 12.55 -25.43 9.81
N HIS C 206 12.38 -24.87 11.01
CA HIS C 206 13.42 -24.24 11.82
C HIS C 206 12.79 -23.66 13.08
N PRO C 207 13.35 -23.98 14.26
CA PRO C 207 12.71 -23.61 15.53
C PRO C 207 12.83 -22.14 15.91
N GLU C 208 13.66 -21.36 15.24
CA GLU C 208 13.68 -19.93 15.49
C GLU C 208 12.97 -19.12 14.42
N ALA C 209 12.47 -19.77 13.37
CA ALA C 209 11.69 -19.11 12.33
C ALA C 209 10.26 -18.85 12.83
N THR C 210 10.17 -18.13 13.92
CA THR C 210 8.88 -17.73 14.47
C THR C 210 8.32 -16.57 13.64
N TYR C 211 7.10 -16.15 13.99
CA TYR C 211 6.55 -14.95 13.37
C TYR C 211 7.34 -13.72 13.82
N SER C 212 7.65 -13.64 15.11
CA SER C 212 8.29 -12.44 15.63
C SER C 212 9.64 -12.15 15.01
N ARG C 213 10.28 -13.18 14.45
CA ARG C 213 11.54 -13.02 13.71
C ARG C 213 11.33 -12.89 12.21
N CYS C 214 10.28 -13.49 11.65
CA CYS C 214 10.14 -13.54 10.20
C CYS C 214 8.83 -12.96 9.66
N GLY C 215 7.80 -12.84 10.49
CA GLY C 215 6.53 -12.27 10.06
C GLY C 215 6.65 -10.94 9.35
N SER C 216 6.11 -10.85 8.12
CA SER C 216 6.22 -9.63 7.35
C SER C 216 4.88 -9.04 6.94
N GLY C 217 3.78 -9.57 7.46
CA GLY C 217 2.50 -8.98 7.20
C GLY C 217 1.40 -9.66 7.98
N PRO C 218 0.23 -9.79 7.36
CA PRO C 218 -0.92 -10.35 8.08
C PRO C 218 -0.91 -11.85 8.20
N TRP C 219 -0.01 -12.55 7.53
CA TRP C 219 0.05 -14.01 7.60
C TRP C 219 0.89 -14.40 8.80
N ILE C 220 0.26 -14.98 9.82
CA ILE C 220 1.01 -15.43 10.97
C ILE C 220 1.27 -16.91 10.96
N THR C 221 0.76 -17.61 9.94
CA THR C 221 0.92 -19.04 9.74
C THR C 221 0.83 -19.26 8.24
N PRO C 222 1.48 -20.29 7.71
CA PRO C 222 1.19 -20.69 6.34
C PRO C 222 -0.26 -21.03 6.11
N ARG C 223 -1.08 -21.06 7.16
CA ARG C 223 -2.50 -21.33 7.04
C ARG C 223 -3.38 -20.27 7.71
N CYS C 224 -2.81 -19.17 8.21
CA CYS C 224 -3.56 -18.25 9.04
C CYS C 224 -3.12 -16.83 8.76
N LEU C 225 -4.08 -15.98 8.42
CA LEU C 225 -3.82 -14.55 8.33
C LEU C 225 -4.68 -13.84 9.36
N VAL C 226 -4.27 -12.63 9.73
CA VAL C 226 -5.00 -11.98 10.79
C VAL C 226 -6.29 -11.43 10.23
N ASP C 227 -7.28 -11.29 11.09
CA ASP C 227 -8.59 -10.84 10.63
C ASP C 227 -8.66 -9.34 10.78
N TYR C 228 -9.29 -8.71 9.81
CA TYR C 228 -9.60 -7.29 9.90
C TYR C 228 -10.74 -7.01 8.94
N PRO C 229 -11.42 -5.87 9.06
CA PRO C 229 -12.67 -5.70 8.29
C PRO C 229 -12.48 -5.82 6.79
N TYR C 230 -11.30 -5.50 6.28
CA TYR C 230 -11.01 -5.50 4.87
C TYR C 230 -10.18 -6.68 4.42
N ARG C 231 -10.08 -7.72 5.26
CA ARG C 231 -9.41 -8.93 4.81
C ARG C 231 -10.15 -9.54 3.63
N LEU C 232 -11.46 -9.72 3.77
CA LEU C 232 -12.22 -10.33 2.68
C LEU C 232 -12.10 -9.52 1.40
N TRP C 233 -11.87 -8.21 1.49
CA TRP C 233 -11.60 -7.42 0.29
C TRP C 233 -10.19 -7.69 -0.23
N HIS C 234 -9.19 -7.45 0.62
CA HIS C 234 -7.80 -7.53 0.16
C HIS C 234 -7.37 -8.96 -0.11
N TYR C 235 -7.92 -9.92 0.64
CA TYR C 235 -7.58 -11.33 0.54
C TYR C 235 -8.86 -12.12 0.29
N PRO C 236 -9.52 -11.90 -0.84
CA PRO C 236 -10.88 -12.42 -1.02
C PRO C 236 -10.94 -13.92 -1.17
N CYS C 237 -9.84 -14.56 -1.57
CA CYS C 237 -9.84 -16.01 -1.62
C CYS C 237 -9.91 -16.66 -0.23
N THR C 238 -9.67 -15.89 0.85
CA THR C 238 -9.85 -16.43 2.19
C THR C 238 -11.29 -16.35 2.66
N ILE C 239 -12.23 -16.49 1.72
CA ILE C 239 -13.63 -16.26 2.04
C ILE C 239 -14.11 -17.26 3.07
N ASN C 240 -13.65 -18.50 2.97
CA ASN C 240 -14.20 -19.54 3.82
C ASN C 240 -13.29 -19.88 5.00
N TYR C 241 -12.14 -19.25 5.14
CA TYR C 241 -11.34 -19.43 6.34
C TYR C 241 -12.20 -19.15 7.57
N THR C 242 -12.02 -19.98 8.60
CA THR C 242 -12.64 -19.83 9.91
C THR C 242 -11.90 -18.83 10.81
N VAL C 243 -12.64 -18.10 11.63
CA VAL C 243 -12.08 -17.02 12.42
C VAL C 243 -11.96 -17.45 13.89
N PHE C 244 -10.73 -17.35 14.43
CA PHE C 244 -10.40 -17.79 15.77
C PHE C 244 -9.93 -16.63 16.64
N LYS C 245 -10.38 -16.62 17.89
CA LYS C 245 -9.79 -15.72 18.87
C LYS C 245 -8.43 -16.29 19.30
N ILE C 246 -7.35 -15.56 19.02
CA ILE C 246 -6.04 -16.09 19.35
C ILE C 246 -5.25 -15.18 20.28
N ARG C 247 -4.05 -15.63 20.63
CA ARG C 247 -3.10 -14.89 21.46
C ARG C 247 -1.71 -15.07 20.87
N MET C 248 -0.98 -13.97 20.69
CA MET C 248 0.41 -14.01 20.23
C MET C 248 1.24 -13.14 21.16
N TYR C 249 2.55 -13.40 21.18
CA TYR C 249 3.53 -12.60 21.94
C TYR C 249 4.68 -12.20 21.06
N VAL C 250 4.92 -10.90 20.92
CA VAL C 250 6.17 -10.40 20.37
C VAL C 250 7.01 -9.94 21.55
N GLY C 251 8.20 -10.52 21.72
CA GLY C 251 9.00 -10.26 22.91
C GLY C 251 8.27 -10.21 24.24
N GLY C 252 7.42 -11.21 24.51
CA GLY C 252 6.73 -11.27 25.78
C GLY C 252 5.48 -10.45 25.96
N VAL C 253 5.33 -9.33 25.24
CA VAL C 253 4.06 -8.62 25.29
C VAL C 253 2.95 -9.42 24.60
N GLU C 254 1.72 -9.27 25.11
CA GLU C 254 0.56 -10.08 24.75
C GLU C 254 -0.39 -9.30 23.86
N HIS C 255 -0.56 -9.72 22.61
CA HIS C 255 -1.61 -9.18 21.78
C HIS C 255 -2.69 -10.24 21.70
N ARG C 256 -3.86 -9.92 22.19
CA ARG C 256 -5.08 -10.65 21.87
C ARG C 256 -5.59 -10.16 20.52
N LEU C 257 -5.91 -11.07 19.62
CA LEU C 257 -6.42 -10.70 18.31
C LEU C 257 -7.18 -11.88 17.73
N GLU C 258 -7.76 -11.65 16.57
CA GLU C 258 -8.53 -12.67 15.87
C GLU C 258 -7.85 -12.99 14.54
N ALA C 259 -7.81 -14.28 14.22
CA ALA C 259 -7.21 -14.75 12.98
C ALA C 259 -8.17 -15.67 12.23
N ALA C 260 -8.00 -15.70 10.90
CA ALA C 260 -8.75 -16.55 9.99
C ALA C 260 -7.84 -17.63 9.40
N CYS C 261 -8.22 -18.90 9.55
CA CYS C 261 -7.40 -20.03 9.14
C CYS C 261 -8.20 -21.02 8.29
N ASN C 262 -7.50 -21.77 7.45
CA ASN C 262 -8.12 -22.94 6.84
C ASN C 262 -7.56 -24.20 7.55
N GLN D 1 -14.82 -7.84 -16.71
CA GLN D 1 -15.68 -7.52 -17.82
C GLN D 1 -16.92 -8.36 -17.69
N VAL D 2 -17.92 -7.81 -16.99
CA VAL D 2 -19.15 -8.54 -16.81
C VAL D 2 -19.93 -8.57 -18.11
N GLN D 3 -20.88 -9.51 -18.16
CA GLN D 3 -21.59 -9.83 -19.38
C GLN D 3 -23.03 -10.10 -18.97
N LEU D 4 -23.97 -9.45 -19.63
CA LEU D 4 -25.38 -9.59 -19.31
C LEU D 4 -26.09 -10.12 -20.54
N VAL D 5 -26.71 -11.29 -20.42
CA VAL D 5 -27.51 -11.87 -21.50
C VAL D 5 -28.95 -11.92 -21.02
N GLN D 6 -29.86 -11.40 -21.84
CA GLN D 6 -31.24 -11.23 -21.44
C GLN D 6 -32.11 -12.32 -22.07
N SER D 7 -33.34 -12.42 -21.57
CA SER D 7 -34.23 -13.48 -22.04
C SER D 7 -34.75 -13.18 -23.46
N GLY D 8 -35.59 -14.05 -23.95
CA GLY D 8 -36.06 -13.87 -25.31
C GLY D 8 -37.17 -12.85 -25.40
N ALA D 9 -37.46 -12.46 -26.65
CA ALA D 9 -38.61 -11.63 -26.94
C ALA D 9 -39.89 -12.30 -26.49
N GLU D 10 -40.86 -11.49 -26.09
CA GLU D 10 -42.09 -12.04 -25.54
C GLU D 10 -43.28 -11.28 -26.11
N VAL D 11 -44.37 -12.01 -26.30
CA VAL D 11 -45.64 -11.48 -26.78
C VAL D 11 -46.68 -11.66 -25.69
N LYS D 12 -47.32 -10.56 -25.29
CA LYS D 12 -48.25 -10.61 -24.16
C LYS D 12 -49.57 -9.95 -24.50
N LYS D 13 -50.68 -10.60 -24.09
CA LYS D 13 -52.00 -9.98 -24.17
C LYS D 13 -52.09 -8.87 -23.12
N PRO D 14 -52.79 -7.77 -23.41
CA PRO D 14 -52.95 -6.72 -22.40
C PRO D 14 -53.57 -7.25 -21.11
N GLY D 15 -53.09 -6.75 -19.97
CA GLY D 15 -53.55 -7.17 -18.67
C GLY D 15 -52.69 -8.20 -17.97
N SER D 16 -51.92 -8.99 -18.70
CA SER D 16 -51.08 -10.00 -18.07
C SER D 16 -49.78 -9.34 -17.60
N SER D 17 -48.70 -10.11 -17.53
CA SER D 17 -47.42 -9.61 -17.08
C SER D 17 -46.32 -10.40 -17.77
N VAL D 18 -45.14 -9.79 -17.84
CA VAL D 18 -43.96 -10.44 -18.37
C VAL D 18 -42.83 -10.25 -17.39
N LYS D 19 -42.01 -11.30 -17.23
CA LYS D 19 -40.82 -11.27 -16.37
C LYS D 19 -39.62 -11.57 -17.24
N VAL D 20 -38.68 -10.62 -17.29
CA VAL D 20 -37.47 -10.71 -18.10
C VAL D 20 -36.28 -10.98 -17.19
N SER D 21 -35.30 -11.71 -17.71
CA SER D 21 -34.19 -12.20 -16.90
C SER D 21 -32.88 -11.61 -17.42
N CYS D 22 -31.88 -11.54 -16.51
CA CYS D 22 -30.61 -10.91 -16.84
C CYS D 22 -29.52 -11.72 -16.13
N LYS D 23 -28.93 -12.66 -16.87
CA LYS D 23 -27.87 -13.51 -16.33
C LYS D 23 -26.53 -12.80 -16.46
N ALA D 24 -25.87 -12.58 -15.32
CA ALA D 24 -24.56 -11.93 -15.29
C ALA D 24 -23.43 -12.95 -15.21
N SER D 25 -22.24 -12.55 -15.66
CA SER D 25 -21.14 -13.50 -15.76
C SER D 25 -19.82 -12.76 -15.87
N GLY D 26 -18.72 -13.51 -15.70
CA GLY D 26 -17.41 -12.97 -15.97
C GLY D 26 -16.93 -11.86 -15.03
N GLY D 27 -17.50 -11.78 -13.82
CA GLY D 27 -17.15 -10.73 -12.89
C GLY D 27 -16.65 -11.28 -11.57
N THR D 28 -16.39 -10.35 -10.64
CA THR D 28 -15.84 -10.61 -9.32
C THR D 28 -16.90 -10.86 -8.25
N LEU D 29 -18.13 -10.41 -8.47
CA LEU D 29 -19.22 -10.55 -7.52
C LEU D 29 -20.16 -11.67 -7.91
N ASN D 30 -21.01 -12.04 -6.96
CA ASN D 30 -22.09 -12.96 -7.26
C ASN D 30 -23.32 -12.25 -7.79
N SER D 31 -23.48 -10.97 -7.47
CA SER D 31 -24.65 -10.18 -7.82
C SER D 31 -24.18 -8.75 -7.99
N TYR D 32 -24.84 -8.01 -8.88
CA TYR D 32 -24.33 -6.71 -9.27
C TYR D 32 -25.41 -5.66 -9.15
N GLU D 33 -24.97 -4.42 -9.42
CA GLU D 33 -25.85 -3.27 -9.48
C GLU D 33 -26.56 -3.33 -10.81
N ILE D 34 -27.68 -4.04 -10.84
CA ILE D 34 -28.43 -4.31 -12.06
C ILE D 34 -29.48 -3.23 -12.24
N THR D 35 -29.52 -2.63 -13.42
CA THR D 35 -30.55 -1.64 -13.68
C THR D 35 -31.33 -1.93 -14.97
N TRP D 36 -32.59 -1.48 -15.01
CA TRP D 36 -33.51 -1.78 -16.12
C TRP D 36 -34.02 -0.50 -16.78
N VAL D 37 -33.87 -0.44 -18.10
CA VAL D 37 -34.38 0.68 -18.91
C VAL D 37 -35.19 0.15 -20.08
N ARG D 38 -36.31 0.79 -20.37
CA ARG D 38 -37.03 0.45 -21.60
C ARG D 38 -37.01 1.61 -22.60
N GLN D 39 -37.34 1.28 -23.84
CA GLN D 39 -37.28 2.25 -24.93
C GLN D 39 -38.35 1.87 -25.95
N ALA D 40 -39.47 2.58 -25.95
CA ALA D 40 -40.55 2.27 -26.87
C ALA D 40 -40.09 2.53 -28.31
N PRO D 41 -40.60 1.78 -29.28
CA PRO D 41 -40.02 1.87 -30.64
C PRO D 41 -39.99 3.32 -31.10
N GLY D 42 -38.78 3.78 -31.41
CA GLY D 42 -38.57 5.15 -31.85
C GLY D 42 -38.79 6.17 -30.77
N GLN D 43 -38.55 5.84 -29.52
CA GLN D 43 -38.67 6.78 -28.42
C GLN D 43 -37.33 6.89 -27.74
N GLY D 44 -37.27 7.74 -26.73
CA GLY D 44 -36.11 7.82 -25.87
C GLY D 44 -36.07 6.67 -24.90
N LEU D 45 -35.15 6.79 -23.92
CA LEU D 45 -34.90 5.77 -22.91
C LEU D 45 -35.60 6.14 -21.61
N GLU D 46 -36.44 5.24 -21.11
CA GLU D 46 -37.14 5.43 -19.84
C GLU D 46 -36.51 4.52 -18.80
N TRP D 47 -35.88 5.13 -17.79
CA TRP D 47 -35.37 4.35 -16.67
C TRP D 47 -36.49 3.86 -15.80
N MET D 48 -36.39 2.62 -15.35
CA MET D 48 -37.45 1.97 -14.61
C MET D 48 -37.09 1.69 -13.15
N GLY D 49 -35.95 1.08 -12.91
CA GLY D 49 -35.64 0.62 -11.57
C GLY D 49 -34.29 -0.04 -11.53
N GLY D 50 -33.83 -0.31 -10.30
CA GLY D 50 -32.52 -0.90 -10.11
C GLY D 50 -32.45 -1.71 -8.84
N ILE D 51 -31.44 -2.57 -8.78
CA ILE D 51 -31.23 -3.42 -7.61
C ILE D 51 -29.73 -3.55 -7.39
N THR D 52 -29.32 -3.46 -6.13
CA THR D 52 -27.93 -3.54 -5.71
C THR D 52 -27.58 -4.96 -5.30
N PRO D 53 -26.30 -5.28 -5.07
CA PRO D 53 -25.96 -6.68 -4.76
C PRO D 53 -26.52 -7.14 -3.44
N ILE D 54 -26.86 -6.21 -2.54
CA ILE D 54 -27.66 -6.50 -1.34
C ILE D 54 -29.12 -6.80 -1.68
N PHE D 55 -29.55 -6.48 -2.91
CA PHE D 55 -30.89 -6.69 -3.41
C PHE D 55 -31.88 -5.66 -2.88
N GLU D 56 -31.44 -4.42 -2.67
CA GLU D 56 -32.35 -3.34 -2.26
C GLU D 56 -32.79 -2.57 -3.49
N THR D 57 -34.10 -2.45 -3.68
CA THR D 57 -34.59 -1.96 -4.96
C THR D 57 -35.04 -0.50 -4.88
N THR D 58 -35.28 0.04 -6.08
CA THR D 58 -35.53 1.46 -6.27
C THR D 58 -36.19 1.62 -7.63
N TYR D 59 -37.36 2.27 -7.66
CA TYR D 59 -38.21 2.33 -8.84
C TYR D 59 -38.57 3.77 -9.20
N ALA D 60 -38.63 4.05 -10.50
CA ALA D 60 -39.14 5.34 -10.96
C ALA D 60 -40.65 5.43 -10.70
N GLN D 61 -41.12 6.66 -10.44
CA GLN D 61 -42.51 6.79 -10.01
C GLN D 61 -43.47 6.52 -11.16
N LYS D 62 -43.06 6.77 -12.40
CA LYS D 62 -43.87 6.38 -13.54
C LYS D 62 -44.29 4.92 -13.46
N PHE D 63 -43.43 4.06 -12.91
CA PHE D 63 -43.70 2.64 -12.77
C PHE D 63 -43.56 2.29 -11.31
N GLN D 64 -44.55 2.59 -10.51
CA GLN D 64 -44.48 2.15 -9.12
C GLN D 64 -45.66 1.25 -8.87
N GLY D 65 -45.43 0.23 -8.05
CA GLY D 65 -46.45 -0.78 -7.86
C GLY D 65 -46.72 -1.58 -9.13
N ARG D 66 -46.22 -1.09 -10.26
CA ARG D 66 -46.27 -1.89 -11.48
C ARG D 66 -45.14 -2.90 -11.47
N VAL D 67 -43.91 -2.41 -11.49
CA VAL D 67 -42.72 -3.21 -11.69
C VAL D 67 -42.11 -3.62 -10.36
N THR D 68 -41.71 -4.88 -10.27
CA THR D 68 -40.88 -5.34 -9.17
C THR D 68 -39.67 -6.05 -9.74
N ILE D 69 -38.55 -5.90 -9.07
CA ILE D 69 -37.30 -6.51 -9.49
C ILE D 69 -36.87 -7.47 -8.39
N THR D 70 -36.48 -8.66 -8.79
CA THR D 70 -35.90 -9.62 -7.87
C THR D 70 -34.60 -10.13 -8.46
N ALA D 71 -33.78 -10.72 -7.60
CA ALA D 71 -32.61 -11.41 -8.09
C ALA D 71 -32.68 -12.86 -7.64
N ASP D 72 -31.85 -13.69 -8.27
CA ASP D 72 -31.58 -15.03 -7.76
C ASP D 72 -30.07 -15.21 -7.83
N GLU D 73 -29.39 -15.05 -6.69
CA GLU D 73 -27.94 -15.08 -6.70
C GLU D 73 -27.43 -16.43 -7.15
N SER D 74 -28.23 -17.48 -6.93
CA SER D 74 -27.85 -18.84 -7.33
C SER D 74 -27.46 -18.90 -8.79
N THR D 75 -28.15 -18.15 -9.64
CA THR D 75 -27.91 -18.18 -11.07
C THR D 75 -27.32 -16.87 -11.57
N SER D 76 -27.01 -15.95 -10.66
CA SER D 76 -26.68 -14.57 -10.99
C SER D 76 -27.64 -14.01 -12.06
N THR D 77 -28.92 -14.25 -11.81
CA THR D 77 -29.97 -13.75 -12.68
C THR D 77 -30.84 -12.79 -11.90
N THR D 78 -31.10 -11.65 -12.49
CA THR D 78 -32.02 -10.68 -11.93
C THR D 78 -33.20 -10.52 -12.88
N TYR D 79 -34.38 -10.28 -12.31
CA TYR D 79 -35.65 -10.41 -13.00
C TYR D 79 -36.41 -9.10 -12.93
N MET D 80 -36.94 -8.66 -14.06
CA MET D 80 -37.81 -7.50 -14.08
C MET D 80 -39.18 -7.95 -14.55
N GLU D 81 -40.19 -7.73 -13.71
CA GLU D 81 -41.57 -8.11 -13.98
C GLU D 81 -42.44 -6.86 -13.92
N LEU D 82 -43.22 -6.64 -14.99
CA LEU D 82 -44.09 -5.48 -15.15
C LEU D 82 -45.52 -5.95 -15.30
N SER D 83 -46.41 -5.45 -14.43
CA SER D 83 -47.77 -5.95 -14.40
C SER D 83 -48.74 -4.97 -15.06
N SER D 84 -49.98 -5.42 -15.24
CA SER D 84 -51.06 -4.65 -15.87
C SER D 84 -50.59 -4.07 -17.21
N LEU D 85 -50.23 -5.00 -18.10
CA LEU D 85 -49.63 -4.62 -19.38
C LEU D 85 -50.66 -3.98 -20.30
N ARG D 86 -50.24 -2.91 -20.96
CA ARG D 86 -51.02 -2.17 -21.92
C ARG D 86 -50.15 -1.89 -23.13
N PRO D 87 -50.76 -1.66 -24.30
CA PRO D 87 -49.94 -1.48 -25.52
C PRO D 87 -48.87 -0.42 -25.40
N GLU D 88 -49.12 0.63 -24.61
CA GLU D 88 -48.16 1.70 -24.36
C GLU D 88 -46.82 1.16 -23.85
N ASP D 89 -46.79 -0.06 -23.33
CA ASP D 89 -45.59 -0.64 -22.77
C ASP D 89 -44.81 -1.46 -23.78
N THR D 90 -45.30 -1.63 -25.00
CA THR D 90 -44.49 -2.26 -26.03
C THR D 90 -43.19 -1.48 -26.18
N ALA D 91 -42.06 -2.16 -25.98
CA ALA D 91 -40.76 -1.50 -25.97
C ALA D 91 -39.66 -2.57 -25.97
N VAL D 92 -38.44 -2.11 -26.22
CA VAL D 92 -37.26 -2.93 -25.95
C VAL D 92 -36.86 -2.71 -24.50
N TYR D 93 -36.73 -3.80 -23.75
CA TYR D 93 -36.41 -3.72 -22.33
C TYR D 93 -34.95 -4.12 -22.12
N TYR D 94 -34.21 -3.26 -21.41
CA TYR D 94 -32.77 -3.38 -21.25
C TYR D 94 -32.41 -3.61 -19.79
N CYS D 95 -31.51 -4.55 -19.54
CA CYS D 95 -30.78 -4.53 -18.28
C CYS D 95 -29.36 -4.03 -18.56
N ALA D 96 -28.76 -3.48 -17.51
CA ALA D 96 -27.39 -2.97 -17.53
C ALA D 96 -26.81 -2.96 -16.13
N ARG D 97 -25.50 -3.01 -16.07
CA ARG D 97 -24.83 -2.82 -14.80
C ARG D 97 -24.66 -1.33 -14.56
N ASP D 98 -25.21 -0.87 -13.42
CA ASP D 98 -24.96 0.47 -12.89
C ASP D 98 -23.85 0.40 -11.83
N GLY D 99 -22.70 -0.09 -12.29
CA GLY D 99 -21.60 -0.36 -11.37
C GLY D 99 -20.96 0.93 -10.87
N VAL D 100 -20.62 0.92 -9.57
CA VAL D 100 -19.69 1.92 -9.07
C VAL D 100 -18.33 1.65 -9.74
N ARG D 101 -17.80 2.66 -10.42
CA ARG D 101 -16.64 2.42 -11.25
C ARG D 101 -15.49 3.40 -11.06
N TYR D 102 -15.70 4.58 -10.53
CA TYR D 102 -14.51 5.40 -10.30
C TYR D 102 -14.73 6.30 -9.09
N CYS D 103 -13.72 6.33 -8.20
CA CYS D 103 -13.74 7.14 -6.99
C CYS D 103 -12.64 8.19 -7.06
N GLY D 104 -12.95 9.39 -6.61
CA GLY D 104 -11.99 10.45 -6.54
C GLY D 104 -12.48 11.62 -5.71
N GLY D 105 -11.56 12.39 -5.11
CA GLY D 105 -11.93 13.60 -4.42
C GLY D 105 -12.94 13.43 -3.32
N GLY D 106 -13.17 12.18 -2.88
CA GLY D 106 -14.15 11.90 -1.84
C GLY D 106 -15.46 11.36 -2.34
N ARG D 107 -15.70 11.40 -3.66
CA ARG D 107 -16.95 11.04 -4.31
C ARG D 107 -16.76 9.83 -5.21
N CYS D 108 -17.77 8.96 -5.30
CA CYS D 108 -17.67 7.76 -6.15
C CYS D 108 -18.81 7.70 -7.17
N TYR D 109 -18.45 7.32 -8.39
CA TYR D 109 -19.29 7.53 -9.56
C TYR D 109 -19.74 6.21 -10.16
N ASN D 110 -21.05 6.00 -10.23
CA ASN D 110 -21.62 4.93 -11.03
C ASN D 110 -21.90 5.39 -12.45
N TRP D 111 -22.02 4.42 -13.35
CA TRP D 111 -22.66 4.60 -14.67
C TRP D 111 -22.96 3.24 -15.28
N PHE D 112 -23.60 3.27 -16.46
CA PHE D 112 -24.14 2.07 -17.12
C PHE D 112 -23.13 1.50 -18.12
N ASP D 113 -22.61 0.34 -17.81
CA ASP D 113 -21.68 -0.43 -18.63
C ASP D 113 -22.16 -1.87 -18.49
N PRO D 114 -21.71 -2.79 -19.34
CA PRO D 114 -22.63 -3.79 -19.90
C PRO D 114 -24.07 -3.35 -20.00
N TRP D 115 -24.44 -2.82 -21.14
CA TRP D 115 -25.82 -2.95 -21.56
C TRP D 115 -26.04 -4.36 -22.06
N GLY D 116 -27.17 -4.98 -21.67
CA GLY D 116 -27.56 -6.25 -22.24
C GLY D 116 -28.06 -6.08 -23.67
N GLN D 117 -28.39 -7.20 -24.32
CA GLN D 117 -28.75 -7.02 -25.73
C GLN D 117 -30.12 -6.43 -25.91
N GLY D 118 -30.89 -6.25 -24.83
CA GLY D 118 -32.27 -5.84 -24.90
C GLY D 118 -33.18 -6.99 -25.29
N THR D 119 -34.41 -7.01 -24.80
CA THR D 119 -35.41 -7.94 -25.30
C THR D 119 -36.72 -7.19 -25.53
N LEU D 120 -37.39 -7.51 -26.64
CA LEU D 120 -38.59 -6.81 -27.08
C LEU D 120 -39.81 -7.49 -26.49
N VAL D 121 -40.68 -6.70 -25.85
CA VAL D 121 -41.91 -7.23 -25.29
C VAL D 121 -43.04 -6.55 -26.03
N THR D 122 -43.69 -7.31 -26.91
CA THR D 122 -44.79 -6.81 -27.71
C THR D 122 -46.09 -7.14 -26.97
N VAL D 123 -46.85 -6.10 -26.64
CA VAL D 123 -48.05 -6.29 -25.84
C VAL D 123 -49.25 -5.86 -26.70
N SER D 124 -50.08 -6.84 -27.06
CA SER D 124 -51.19 -6.63 -28.00
C SER D 124 -52.04 -7.88 -28.08
N SER D 125 -53.36 -7.69 -28.13
CA SER D 125 -54.34 -8.76 -28.31
C SER D 125 -54.25 -9.45 -29.67
N ALA D 126 -53.28 -9.08 -30.51
CA ALA D 126 -53.02 -9.80 -31.74
C ALA D 126 -52.45 -11.18 -31.43
N SER D 127 -52.17 -11.93 -32.50
CA SER D 127 -51.71 -13.29 -32.36
C SER D 127 -50.76 -13.59 -33.49
N THR D 128 -49.74 -14.39 -33.20
CA THR D 128 -48.58 -14.55 -34.05
C THR D 128 -48.89 -15.09 -35.45
N LYS D 129 -48.90 -14.23 -36.47
CA LYS D 129 -49.12 -14.66 -37.85
C LYS D 129 -47.89 -14.32 -38.71
N GLY D 130 -47.58 -15.23 -39.64
CA GLY D 130 -46.54 -15.03 -40.63
C GLY D 130 -46.99 -14.18 -41.81
N PRO D 131 -46.03 -13.51 -42.44
CA PRO D 131 -46.39 -12.51 -43.45
C PRO D 131 -46.61 -13.13 -44.81
N SER D 132 -47.61 -12.60 -45.51
CA SER D 132 -47.75 -12.86 -46.94
C SER D 132 -46.83 -11.91 -47.69
N VAL D 133 -46.07 -12.44 -48.63
CA VAL D 133 -45.11 -11.63 -49.38
C VAL D 133 -45.61 -11.51 -50.83
N PHE D 134 -45.55 -10.28 -51.37
CA PHE D 134 -45.97 -9.95 -52.73
C PHE D 134 -44.91 -9.09 -53.40
N PRO D 135 -44.65 -9.32 -54.69
CA PRO D 135 -43.64 -8.54 -55.38
C PRO D 135 -44.09 -7.10 -55.55
N LEU D 136 -43.11 -6.20 -55.65
CA LEU D 136 -43.30 -4.85 -56.18
C LEU D 136 -42.58 -4.84 -57.52
N ALA D 137 -43.36 -5.07 -58.60
CA ALA D 137 -42.82 -5.33 -59.93
C ALA D 137 -42.36 -4.04 -60.60
N PRO D 138 -41.22 -4.11 -61.27
CA PRO D 138 -40.69 -2.95 -61.98
C PRO D 138 -41.46 -2.68 -63.27
N SER D 139 -41.70 -1.41 -63.53
CA SER D 139 -42.47 -1.00 -64.70
C SER D 139 -41.59 -0.21 -65.64
N SER D 140 -42.18 0.60 -66.50
CA SER D 140 -41.44 1.58 -67.30
C SER D 140 -41.74 2.97 -66.76
N THR D 143 -38.35 4.04 -64.78
CA THR D 143 -37.15 3.50 -65.44
C THR D 143 -36.20 4.53 -66.04
N SER D 144 -36.50 5.79 -65.81
CA SER D 144 -35.57 6.86 -66.16
C SER D 144 -34.72 7.21 -64.95
N GLY D 145 -33.73 8.09 -65.18
CA GLY D 145 -32.59 8.11 -64.29
C GLY D 145 -31.61 7.00 -64.59
N GLY D 146 -31.82 6.30 -65.73
CA GLY D 146 -31.09 5.11 -66.12
C GLY D 146 -31.47 3.85 -65.38
N THR D 147 -32.07 3.96 -64.20
CA THR D 147 -32.19 2.86 -63.26
C THR D 147 -33.65 2.62 -62.91
N ALA D 148 -33.95 1.42 -62.42
CA ALA D 148 -35.30 0.97 -62.16
C ALA D 148 -35.43 0.58 -60.69
N ALA D 149 -36.58 0.91 -60.11
CA ALA D 149 -36.91 0.51 -58.75
C ALA D 149 -37.76 -0.76 -58.75
N LEU D 150 -37.50 -1.62 -57.77
CA LEU D 150 -38.28 -2.83 -57.56
C LEU D 150 -38.15 -3.20 -56.10
N GLY D 151 -39.01 -4.08 -55.65
CA GLY D 151 -39.07 -4.42 -54.24
C GLY D 151 -40.04 -5.56 -54.03
N CYS D 152 -40.38 -5.80 -52.78
CA CYS D 152 -41.42 -6.76 -52.47
C CYS D 152 -42.02 -6.37 -51.13
N LEU D 153 -43.25 -6.82 -50.88
CA LEU D 153 -44.11 -6.25 -49.84
C LEU D 153 -44.42 -7.32 -48.81
N VAL D 154 -44.03 -7.04 -47.56
CA VAL D 154 -44.20 -7.96 -46.44
C VAL D 154 -45.42 -7.48 -45.66
N LYS D 155 -46.55 -8.17 -45.83
CA LYS D 155 -47.84 -7.69 -45.33
C LYS D 155 -48.43 -8.65 -44.33
N ASP D 156 -49.07 -8.08 -43.30
CA ASP D 156 -49.92 -8.82 -42.35
C ASP D 156 -49.11 -9.87 -41.59
N TYR D 157 -48.25 -9.38 -40.68
CA TYR D 157 -47.48 -10.25 -39.78
C TYR D 157 -47.42 -9.67 -38.39
N PHE D 158 -47.35 -10.56 -37.41
CA PHE D 158 -47.19 -10.17 -36.03
C PHE D 158 -46.41 -11.25 -35.30
N PRO D 159 -45.49 -10.88 -34.40
CA PRO D 159 -45.12 -9.49 -34.15
C PRO D 159 -43.92 -9.06 -34.99
N GLU D 160 -43.32 -7.93 -34.59
CA GLU D 160 -42.01 -7.57 -35.09
C GLU D 160 -41.00 -8.55 -34.50
N PRO D 161 -39.80 -8.65 -35.08
CA PRO D 161 -39.32 -7.98 -36.27
C PRO D 161 -39.40 -8.96 -37.40
N VAL D 162 -39.10 -8.49 -38.59
CA VAL D 162 -38.91 -9.39 -39.71
C VAL D 162 -37.68 -8.89 -40.44
N THR D 163 -36.90 -9.80 -40.99
CA THR D 163 -35.74 -9.41 -41.77
C THR D 163 -35.93 -9.75 -43.24
N VAL D 164 -35.32 -8.93 -44.09
CA VAL D 164 -35.40 -9.13 -45.53
C VAL D 164 -34.02 -8.89 -46.10
N SER D 165 -33.57 -9.79 -46.96
CA SER D 165 -32.39 -9.53 -47.78
C SER D 165 -32.76 -9.74 -49.23
N TRP D 166 -31.77 -9.54 -50.10
CA TRP D 166 -31.95 -9.65 -51.53
C TRP D 166 -30.85 -10.51 -52.12
N ASN D 167 -31.24 -11.46 -52.98
CA ASN D 167 -30.35 -12.46 -53.53
C ASN D 167 -29.48 -13.06 -52.44
N SER D 168 -30.10 -13.35 -51.29
CA SER D 168 -29.44 -14.06 -50.19
C SER D 168 -28.25 -13.29 -49.65
N GLY D 169 -28.33 -11.96 -49.61
CA GLY D 169 -27.24 -11.12 -49.14
C GLY D 169 -26.31 -10.62 -50.22
N ALA D 170 -26.25 -11.29 -51.37
CA ALA D 170 -25.38 -10.84 -52.46
C ALA D 170 -25.75 -9.46 -52.98
N LEU D 171 -26.94 -8.94 -52.68
CA LEU D 171 -27.39 -7.65 -53.17
C LEU D 171 -27.74 -6.78 -51.97
N THR D 172 -27.02 -5.68 -51.80
CA THR D 172 -27.14 -4.89 -50.58
C THR D 172 -27.14 -3.42 -50.92
N SER D 173 -26.37 -3.01 -51.92
CA SER D 173 -26.40 -1.61 -52.34
C SER D 173 -27.76 -1.23 -52.91
N GLY D 174 -28.13 0.04 -52.72
CA GLY D 174 -29.40 0.55 -53.13
C GLY D 174 -30.60 -0.08 -52.47
N VAL D 175 -30.40 -1.04 -51.57
CA VAL D 175 -31.51 -1.65 -50.86
C VAL D 175 -31.98 -0.73 -49.74
N HIS D 176 -33.30 -0.50 -49.69
CA HIS D 176 -33.95 0.17 -48.57
C HIS D 176 -35.08 -0.71 -48.04
N THR D 177 -35.16 -0.85 -46.72
CA THR D 177 -36.17 -1.66 -46.04
C THR D 177 -36.80 -0.79 -44.95
N PHE D 178 -38.02 -0.48 -45.11
CA PHE D 178 -38.60 0.62 -44.37
C PHE D 178 -39.10 0.13 -43.01
N PRO D 179 -39.08 1.02 -42.03
CA PRO D 179 -39.75 0.72 -40.77
C PRO D 179 -41.13 0.18 -41.04
N ALA D 180 -41.42 -0.99 -40.47
CA ALA D 180 -42.76 -1.50 -40.54
C ALA D 180 -43.73 -0.48 -39.95
N VAL D 181 -44.99 -0.56 -40.41
CA VAL D 181 -46.08 0.22 -39.84
C VAL D 181 -47.05 -0.74 -39.20
N LEU D 182 -47.89 -0.20 -38.33
CA LEU D 182 -48.82 -1.03 -37.55
C LEU D 182 -50.23 -0.78 -38.08
N GLN D 183 -50.74 -1.72 -38.87
CA GLN D 183 -52.04 -1.47 -39.47
C GLN D 183 -53.14 -1.56 -38.42
N SER D 184 -54.24 -0.88 -38.72
CA SER D 184 -55.43 -0.90 -37.89
C SER D 184 -55.84 -2.32 -37.52
N SER D 185 -55.49 -3.32 -38.33
CA SER D 185 -55.82 -4.71 -38.04
C SER D 185 -55.03 -5.26 -36.86
N GLY D 186 -54.08 -4.50 -36.34
CA GLY D 186 -53.17 -4.99 -35.35
C GLY D 186 -51.98 -5.73 -35.92
N LEU D 187 -51.94 -5.97 -37.22
CA LEU D 187 -50.83 -6.65 -37.85
C LEU D 187 -49.85 -5.62 -38.40
N TYR D 188 -48.62 -6.05 -38.58
CA TYR D 188 -47.60 -5.16 -39.10
C TYR D 188 -47.47 -5.37 -40.59
N SER D 189 -46.82 -4.40 -41.23
CA SER D 189 -46.55 -4.49 -42.65
C SER D 189 -45.45 -3.50 -43.01
N LEU D 190 -44.56 -3.94 -43.91
CA LEU D 190 -43.45 -3.12 -44.38
C LEU D 190 -43.13 -3.53 -45.80
N SER D 191 -42.33 -2.70 -46.45
CA SER D 191 -41.89 -2.92 -47.82
C SER D 191 -40.38 -2.80 -47.90
N SER D 192 -39.78 -3.43 -48.90
CA SER D 192 -38.35 -3.32 -49.06
C SER D 192 -38.00 -3.29 -50.54
N VAL D 193 -37.22 -2.29 -50.94
CA VAL D 193 -37.00 -2.01 -52.35
C VAL D 193 -35.52 -1.86 -52.64
N VAL D 194 -35.17 -2.08 -53.91
CA VAL D 194 -33.82 -1.84 -54.40
C VAL D 194 -33.92 -1.29 -55.82
N THR D 195 -33.09 -0.30 -56.12
CA THR D 195 -32.96 0.20 -57.47
C THR D 195 -31.80 -0.46 -58.17
N VAL D 196 -32.01 -0.86 -59.40
CA VAL D 196 -31.04 -1.62 -60.19
C VAL D 196 -30.98 -0.98 -61.56
N PRO D 197 -29.98 -1.29 -62.38
CA PRO D 197 -29.93 -0.68 -63.72
C PRO D 197 -30.98 -1.36 -64.59
N SER D 198 -31.79 -0.53 -65.29
CA SER D 198 -32.95 -1.11 -65.98
C SER D 198 -32.52 -2.12 -67.04
N SER D 199 -31.35 -1.91 -67.66
CA SER D 199 -30.79 -2.84 -68.64
C SER D 199 -30.54 -4.23 -68.09
N SER D 200 -30.91 -4.47 -66.83
CA SER D 200 -30.82 -5.79 -66.26
C SER D 200 -32.17 -6.41 -65.99
N LEU D 201 -33.26 -5.66 -66.15
CA LEU D 201 -34.57 -6.25 -65.98
C LEU D 201 -34.74 -7.39 -66.98
N GLY D 202 -35.26 -8.52 -66.50
CA GLY D 202 -35.47 -9.65 -67.36
C GLY D 202 -34.24 -10.50 -67.63
N THR D 203 -33.04 -10.05 -67.28
CA THR D 203 -31.89 -10.93 -67.29
C THR D 203 -31.37 -11.20 -65.88
N GLN D 204 -30.94 -10.17 -65.17
CA GLN D 204 -30.53 -10.34 -63.79
C GLN D 204 -31.73 -10.79 -62.96
N THR D 205 -31.58 -11.89 -62.23
CA THR D 205 -32.68 -12.42 -61.44
C THR D 205 -32.65 -11.83 -60.03
N TYR D 206 -33.83 -11.45 -59.51
CA TYR D 206 -33.96 -10.75 -58.24
C TYR D 206 -34.91 -11.52 -57.34
N ILE D 207 -34.49 -11.80 -56.09
CA ILE D 207 -35.22 -12.65 -55.16
C ILE D 207 -35.14 -12.04 -53.77
N CYS D 208 -36.27 -11.72 -53.16
CA CYS D 208 -36.25 -11.17 -51.82
C CYS D 208 -36.49 -12.30 -50.82
N ASN D 209 -35.57 -12.45 -49.87
CA ASN D 209 -35.63 -13.50 -48.87
C ASN D 209 -36.16 -12.88 -47.58
N VAL D 210 -37.37 -13.27 -47.22
CA VAL D 210 -38.05 -12.74 -46.05
C VAL D 210 -38.06 -13.83 -45.00
N ASN D 211 -37.63 -13.47 -43.79
CA ASN D 211 -37.52 -14.35 -42.64
C ASN D 211 -38.32 -13.72 -41.50
N HIS D 212 -39.33 -14.43 -40.99
CA HIS D 212 -40.05 -14.06 -39.77
C HIS D 212 -39.78 -15.15 -38.73
N LYS D 213 -38.74 -14.95 -37.91
CA LYS D 213 -38.41 -15.97 -36.91
C LYS D 213 -39.48 -16.12 -35.83
N PRO D 214 -40.27 -15.08 -35.46
CA PRO D 214 -41.35 -15.33 -34.47
C PRO D 214 -42.29 -16.47 -34.84
N SER D 215 -42.56 -16.64 -36.12
CA SER D 215 -43.42 -17.72 -36.59
C SER D 215 -42.64 -18.80 -37.32
N ASN D 216 -41.31 -18.75 -37.29
CA ASN D 216 -40.46 -19.64 -38.08
C ASN D 216 -41.00 -19.75 -39.51
N THR D 217 -41.01 -18.59 -40.17
CA THR D 217 -41.50 -18.44 -41.54
C THR D 217 -40.40 -17.86 -42.42
N LYS D 218 -40.10 -18.53 -43.52
CA LYS D 218 -39.14 -18.05 -44.50
C LYS D 218 -39.81 -18.05 -45.89
N VAL D 219 -39.66 -16.96 -46.63
CA VAL D 219 -40.18 -16.88 -47.99
C VAL D 219 -39.11 -16.29 -48.88
N ASP D 220 -38.96 -16.87 -50.07
CA ASP D 220 -38.08 -16.37 -51.12
C ASP D 220 -38.93 -16.12 -52.36
N LYS D 221 -39.34 -14.86 -52.60
CA LYS D 221 -40.22 -14.52 -53.72
C LYS D 221 -39.39 -14.01 -54.90
N ARG D 222 -39.71 -14.51 -56.10
CA ARG D 222 -39.02 -14.04 -57.29
C ARG D 222 -39.71 -12.80 -57.76
N VAL D 223 -38.93 -11.82 -58.20
CA VAL D 223 -39.47 -10.55 -58.63
C VAL D 223 -39.10 -10.36 -60.08
N GLU D 224 -40.11 -10.28 -60.93
CA GLU D 224 -39.96 -10.16 -62.37
C GLU D 224 -40.83 -9.00 -62.83
N PRO D 225 -40.52 -8.40 -63.97
CA PRO D 225 -41.41 -7.38 -64.52
C PRO D 225 -42.60 -8.00 -65.21
N LYS D 226 -43.74 -7.30 -65.13
CA LYS D 226 -44.98 -7.77 -65.75
C LYS D 226 -44.99 -7.44 -67.25
N SER D 227 -45.93 -8.07 -67.96
CA SER D 227 -46.17 -7.82 -69.40
C SER D 227 -46.31 -6.35 -69.75
N ASP E 1 -39.59 12.56 -10.12
CA ASP E 1 -38.24 12.11 -9.85
C ASP E 1 -37.30 13.30 -9.96
N ILE E 2 -36.54 13.37 -11.05
CA ILE E 2 -35.61 14.48 -11.20
C ILE E 2 -35.35 14.78 -12.68
N GLN E 3 -36.03 15.81 -13.20
CA GLN E 3 -36.15 15.98 -14.63
C GLN E 3 -34.82 16.38 -15.28
N MET E 4 -34.57 15.83 -16.45
CA MET E 4 -33.49 16.26 -17.34
C MET E 4 -34.10 16.70 -18.66
N THR E 5 -33.60 17.82 -19.19
CA THR E 5 -34.01 18.32 -20.49
C THR E 5 -32.77 18.67 -21.30
N GLN E 6 -32.69 18.14 -22.52
CA GLN E 6 -31.59 18.41 -23.42
C GLN E 6 -32.00 19.38 -24.53
N SER E 7 -31.03 20.15 -25.01
CA SER E 7 -31.29 21.09 -26.08
C SER E 7 -30.09 21.13 -27.02
N PRO E 8 -30.31 21.11 -28.35
CA PRO E 8 -31.62 21.07 -29.00
C PRO E 8 -32.20 19.69 -28.88
N SER E 9 -33.44 19.49 -29.32
CA SER E 9 -34.02 18.15 -29.32
C SER E 9 -33.56 17.33 -30.52
N SER E 10 -33.07 17.99 -31.56
CA SER E 10 -32.46 17.34 -32.71
C SER E 10 -31.79 18.40 -33.57
N LEU E 11 -30.83 17.96 -34.36
CA LEU E 11 -29.80 18.84 -34.86
C LEU E 11 -29.19 18.20 -36.10
N SER E 12 -28.83 19.03 -37.05
CA SER E 12 -28.24 18.60 -38.30
C SER E 12 -26.98 19.41 -38.51
N ALA E 13 -25.92 18.75 -38.96
CA ALA E 13 -24.66 19.47 -39.13
C ALA E 13 -23.80 18.75 -40.17
N SER E 14 -22.93 19.52 -40.80
CA SER E 14 -22.00 18.97 -41.78
C SER E 14 -20.78 18.41 -41.06
N VAL E 15 -20.12 17.47 -41.73
CA VAL E 15 -18.87 16.91 -41.21
C VAL E 15 -17.95 18.09 -40.94
N GLY E 16 -17.59 18.28 -39.67
CA GLY E 16 -16.67 19.34 -39.35
C GLY E 16 -17.25 20.31 -38.34
N ASP E 17 -18.51 20.70 -38.55
CA ASP E 17 -19.16 21.65 -37.66
C ASP E 17 -18.96 21.28 -36.20
N ARG E 18 -18.70 22.28 -35.36
CA ARG E 18 -18.62 22.06 -33.93
C ARG E 18 -20.02 22.04 -33.32
N VAL E 19 -20.29 21.04 -32.52
CA VAL E 19 -21.63 20.77 -32.03
C VAL E 19 -21.62 20.75 -30.50
N THR E 20 -22.64 21.37 -29.90
CA THR E 20 -22.80 21.37 -28.45
C THR E 20 -24.24 21.00 -28.13
N ILE E 21 -24.41 20.16 -27.10
CA ILE E 21 -25.73 19.78 -26.58
C ILE E 21 -25.71 19.95 -25.08
N THR E 22 -26.85 20.36 -24.54
CA THR E 22 -26.92 20.69 -23.12
C THR E 22 -27.93 19.82 -22.38
N CYS E 23 -27.61 19.54 -21.12
CA CYS E 23 -28.55 18.94 -20.18
C CYS E 23 -28.79 19.87 -19.02
N ARG E 24 -29.99 19.79 -18.46
CA ARG E 24 -30.35 20.60 -17.30
C ARG E 24 -31.27 19.83 -16.38
N ALA E 25 -31.01 19.96 -15.07
CA ALA E 25 -31.69 19.20 -14.03
C ALA E 25 -32.39 20.14 -13.05
N GLY E 26 -33.46 19.61 -12.45
CA GLY E 26 -34.35 20.41 -11.61
C GLY E 26 -33.80 20.75 -10.24
N GLN E 27 -32.84 19.96 -9.77
CA GLN E 27 -32.08 20.25 -8.56
C GLN E 27 -30.60 20.10 -8.90
N ASN E 28 -29.73 20.47 -7.95
CA ASN E 28 -28.28 20.42 -8.16
C ASN E 28 -27.79 18.98 -8.04
N ILE E 29 -26.93 18.60 -9.01
CA ILE E 29 -26.54 17.22 -9.33
C ILE E 29 -25.02 17.10 -9.29
N ASN E 30 -24.34 18.19 -8.92
CA ASN E 30 -22.88 18.26 -8.76
C ASN E 30 -22.25 17.92 -10.12
N ASN E 31 -21.31 16.98 -10.21
CA ASN E 31 -20.85 16.48 -11.50
C ASN E 31 -21.30 15.04 -11.75
N TYR E 32 -22.41 14.63 -11.14
CA TYR E 32 -22.93 13.26 -11.30
C TYR E 32 -23.78 13.15 -12.58
N LEU E 33 -23.11 13.37 -13.71
CA LEU E 33 -23.76 13.32 -15.02
C LEU E 33 -23.00 12.40 -15.97
N ASN E 34 -23.75 11.55 -16.67
CA ASN E 34 -23.25 10.61 -17.66
C ASN E 34 -23.86 10.90 -19.02
N TRP E 35 -23.08 10.65 -20.07
CA TRP E 35 -23.52 10.81 -21.45
C TRP E 35 -23.37 9.48 -22.17
N TYR E 36 -24.46 9.05 -22.83
CA TYR E 36 -24.44 7.87 -23.70
C TYR E 36 -24.76 8.23 -25.13
N GLN E 37 -24.16 7.51 -26.08
CA GLN E 37 -24.54 7.59 -27.49
C GLN E 37 -25.27 6.31 -27.90
N GLN E 38 -26.33 6.48 -28.68
CA GLN E 38 -27.09 5.35 -29.22
C GLN E 38 -27.18 5.50 -30.72
N LYS E 39 -26.64 4.55 -31.42
CA LYS E 39 -26.72 4.43 -32.86
C LYS E 39 -27.94 3.61 -33.20
N PRO E 40 -28.50 3.80 -34.40
CA PRO E 40 -29.77 3.12 -34.72
C PRO E 40 -29.60 1.61 -34.72
N GLY E 41 -30.47 0.93 -33.97
CA GLY E 41 -30.49 -0.51 -33.96
C GLY E 41 -29.54 -1.17 -32.99
N LYS E 42 -28.93 -0.40 -32.10
CA LYS E 42 -28.03 -0.94 -31.09
C LYS E 42 -28.37 -0.28 -29.76
N ALA E 43 -28.05 -0.98 -28.68
CA ALA E 43 -28.22 -0.41 -27.37
C ALA E 43 -27.29 0.79 -27.21
N PRO E 44 -27.51 1.63 -26.22
CA PRO E 44 -26.58 2.74 -26.01
C PRO E 44 -25.25 2.24 -25.50
N LYS E 45 -24.26 3.10 -25.71
CA LYS E 45 -22.88 2.93 -25.28
C LYS E 45 -22.50 4.19 -24.53
N VAL E 46 -21.88 4.04 -23.37
CA VAL E 46 -21.48 5.19 -22.56
C VAL E 46 -20.32 5.95 -23.20
N LEU E 47 -20.29 7.23 -22.95
CA LEU E 47 -19.37 8.16 -23.60
C LEU E 47 -18.59 9.02 -22.62
N ILE E 48 -19.25 9.52 -21.59
CA ILE E 48 -18.78 10.53 -20.66
C ILE E 48 -19.23 10.10 -19.30
N TYR E 49 -18.29 10.02 -18.35
CA TYR E 49 -18.67 9.82 -16.97
C TYR E 49 -18.16 10.99 -16.15
N ALA E 50 -18.87 11.25 -15.04
CA ALA E 50 -18.48 12.29 -14.09
C ALA E 50 -18.31 13.62 -14.80
N ALA E 51 -19.28 13.91 -15.68
CA ALA E 51 -19.44 15.17 -16.39
C ALA E 51 -18.42 15.37 -17.49
N SER E 52 -17.13 15.06 -17.24
CA SER E 52 -16.13 15.38 -18.25
C SER E 52 -15.09 14.32 -18.58
N ASN E 53 -15.26 13.07 -18.17
CA ASN E 53 -14.25 12.04 -18.42
C ASN E 53 -14.73 11.10 -19.50
N LEU E 54 -13.91 10.90 -20.53
CA LEU E 54 -14.28 9.99 -21.61
C LEU E 54 -13.94 8.57 -21.21
N GLN E 55 -14.89 7.65 -21.45
CA GLN E 55 -14.60 6.24 -21.29
C GLN E 55 -13.41 5.85 -22.16
N SER E 56 -12.62 4.89 -21.68
CA SER E 56 -11.51 4.38 -22.48
C SER E 56 -11.96 4.10 -23.90
N GLY E 57 -11.09 4.40 -24.85
CA GLY E 57 -11.36 4.14 -26.25
C GLY E 57 -12.04 5.28 -26.98
N VAL E 58 -12.68 6.18 -26.27
CA VAL E 58 -13.57 7.15 -26.93
C VAL E 58 -12.73 8.31 -27.47
N PRO E 59 -12.88 8.68 -28.74
CA PRO E 59 -11.92 9.59 -29.38
C PRO E 59 -11.85 10.96 -28.74
N SER E 60 -10.72 11.62 -29.00
CA SER E 60 -10.40 12.90 -28.37
C SER E 60 -11.39 14.00 -28.75
N ARG E 61 -12.05 13.89 -29.91
CA ARG E 61 -12.92 14.98 -30.36
C ARG E 61 -14.13 15.17 -29.45
N PHE E 62 -14.41 14.23 -28.56
CA PHE E 62 -15.49 14.37 -27.61
C PHE E 62 -15.00 15.04 -26.33
N SER E 63 -15.91 15.70 -25.63
CA SER E 63 -15.50 16.50 -24.49
C SER E 63 -16.70 16.92 -23.66
N GLY E 64 -16.74 16.56 -22.39
CA GLY E 64 -17.81 16.99 -21.51
C GLY E 64 -17.37 18.15 -20.65
N SER E 65 -18.35 18.94 -20.22
CA SER E 65 -18.11 19.98 -19.22
C SER E 65 -19.43 20.28 -18.53
N GLY E 66 -19.32 20.86 -17.34
CA GLY E 66 -20.49 21.18 -16.52
C GLY E 66 -20.28 20.78 -15.08
N SER E 67 -21.14 21.32 -14.23
CA SER E 67 -21.16 21.09 -12.79
C SER E 67 -22.37 21.82 -12.22
N GLY E 68 -23.24 21.12 -11.53
CA GLY E 68 -24.35 21.84 -10.92
C GLY E 68 -25.72 21.55 -11.49
N THR E 69 -26.19 22.41 -12.39
CA THR E 69 -27.44 22.19 -13.10
C THR E 69 -27.30 22.30 -14.61
N ASP E 70 -26.09 22.52 -15.14
CA ASP E 70 -25.85 22.82 -16.55
C ASP E 70 -24.67 22.02 -17.06
N PHE E 71 -24.90 21.18 -18.06
CA PHE E 71 -23.82 20.41 -18.66
C PHE E 71 -23.87 20.53 -20.18
N THR E 72 -22.69 20.42 -20.81
CA THR E 72 -22.54 20.59 -22.25
C THR E 72 -21.63 19.50 -22.80
N LEU E 73 -22.21 18.54 -23.52
CA LEU E 73 -21.40 17.65 -24.35
C LEU E 73 -21.18 18.32 -25.69
N THR E 74 -19.93 18.27 -26.16
CA THR E 74 -19.52 18.99 -27.36
C THR E 74 -18.51 18.16 -28.16
N ILE E 75 -18.76 18.02 -29.45
CA ILE E 75 -17.80 17.48 -30.41
C ILE E 75 -17.31 18.63 -31.27
N SER E 76 -15.99 18.66 -31.50
CA SER E 76 -15.41 19.68 -32.36
C SER E 76 -15.51 19.32 -33.85
N SER E 77 -14.55 18.53 -34.34
CA SER E 77 -14.46 18.19 -35.75
C SER E 77 -15.32 16.96 -36.00
N LEU E 78 -16.62 17.18 -36.13
CA LEU E 78 -17.57 16.09 -36.35
C LEU E 78 -17.05 15.19 -37.47
N GLN E 79 -17.19 13.89 -37.28
CA GLN E 79 -16.63 12.90 -38.20
C GLN E 79 -17.66 11.84 -38.56
N PRO E 80 -17.39 11.03 -39.65
CA PRO E 80 -18.41 10.10 -40.15
C PRO E 80 -18.86 8.99 -39.19
N GLU E 81 -18.44 8.96 -37.91
CA GLU E 81 -18.95 7.90 -37.05
C GLU E 81 -19.93 8.40 -35.99
N ASP E 82 -19.97 9.71 -35.73
CA ASP E 82 -20.68 10.26 -34.58
C ASP E 82 -22.17 10.45 -34.84
N PHE E 83 -22.63 10.01 -35.99
CA PHE E 83 -24.03 10.12 -36.40
C PHE E 83 -24.93 9.35 -35.45
N ALA E 84 -25.62 10.02 -34.53
CA ALA E 84 -26.44 9.25 -33.59
C ALA E 84 -27.30 10.16 -32.71
N THR E 85 -28.04 9.51 -31.79
CA THR E 85 -28.74 10.14 -30.69
C THR E 85 -27.89 10.09 -29.42
N TYR E 86 -28.06 11.10 -28.56
CA TYR E 86 -27.19 11.30 -27.40
C TYR E 86 -28.04 11.64 -26.18
N TYR E 87 -28.04 10.75 -25.20
CA TYR E 87 -28.79 10.98 -23.97
C TYR E 87 -27.84 11.30 -22.82
N CYS E 88 -28.23 12.27 -22.00
CA CYS E 88 -27.54 12.48 -20.75
C CYS E 88 -28.33 11.83 -19.61
N GLN E 89 -27.62 11.58 -18.51
CA GLN E 89 -28.12 10.79 -17.39
C GLN E 89 -27.56 11.34 -16.09
N GLN E 90 -28.44 11.64 -15.14
CA GLN E 90 -28.00 12.01 -13.80
C GLN E 90 -27.79 10.75 -12.99
N SER E 91 -26.73 10.75 -12.18
CA SER E 91 -26.40 9.62 -11.33
C SER E 91 -26.07 10.16 -9.94
N HIS E 92 -27.00 10.93 -9.39
CA HIS E 92 -26.84 11.51 -8.08
C HIS E 92 -27.94 11.09 -7.12
N SER E 93 -29.14 10.82 -7.60
CA SER E 93 -30.14 10.10 -6.83
C SER E 93 -30.07 8.63 -7.16
N THR E 94 -30.58 7.80 -6.25
CA THR E 94 -30.66 6.38 -6.56
C THR E 94 -31.78 6.10 -7.56
N VAL E 95 -32.72 7.04 -7.71
CA VAL E 95 -33.66 7.04 -8.81
C VAL E 95 -32.97 7.76 -9.97
N ARG E 96 -32.47 6.98 -10.92
CA ARG E 96 -31.84 7.53 -12.11
C ARG E 96 -32.89 8.08 -13.06
N THR E 97 -32.56 9.19 -13.73
CA THR E 97 -33.40 9.76 -14.78
C THR E 97 -32.57 10.12 -16.00
N PHE E 98 -33.26 10.20 -17.16
CA PHE E 98 -32.69 10.47 -18.47
C PHE E 98 -33.26 11.74 -19.10
N GLY E 99 -32.43 12.40 -19.90
CA GLY E 99 -32.93 13.41 -20.79
C GLY E 99 -33.59 12.80 -22.01
N GLN E 100 -34.59 13.49 -22.53
CA GLN E 100 -35.39 12.94 -23.61
C GLN E 100 -34.57 12.63 -24.87
N GLY E 101 -33.33 13.07 -24.97
CA GLY E 101 -32.50 12.70 -26.09
C GLY E 101 -32.22 13.87 -27.01
N THR E 102 -31.20 13.70 -27.85
CA THR E 102 -30.89 14.66 -28.90
C THR E 102 -30.34 13.91 -30.10
N LYS E 103 -31.09 13.91 -31.20
CA LYS E 103 -30.65 13.22 -32.41
C LYS E 103 -29.78 14.16 -33.24
N VAL E 104 -28.75 13.59 -33.84
CA VAL E 104 -27.73 14.35 -34.54
C VAL E 104 -27.59 13.75 -35.92
N GLU E 105 -27.94 14.53 -36.93
CA GLU E 105 -27.96 14.10 -38.32
C GLU E 105 -27.06 15.01 -39.14
N ILE E 106 -26.83 14.59 -40.38
CA ILE E 106 -25.78 15.17 -41.20
C ILE E 106 -26.40 16.07 -42.26
N LYS E 107 -25.94 17.31 -42.30
CA LYS E 107 -26.40 18.26 -43.29
C LYS E 107 -25.76 17.93 -44.63
N ARG E 108 -26.54 18.12 -45.68
CA ARG E 108 -26.19 17.68 -47.02
C ARG E 108 -26.85 18.63 -48.00
N THR E 109 -26.35 18.67 -49.22
CA THR E 109 -27.03 19.50 -50.23
C THR E 109 -28.42 18.94 -50.53
N VAL E 110 -29.35 19.84 -50.82
CA VAL E 110 -30.71 19.42 -51.12
C VAL E 110 -30.72 18.47 -52.31
N ALA E 111 -31.53 17.42 -52.22
CA ALA E 111 -31.58 16.37 -53.23
C ALA E 111 -33.00 15.84 -53.32
N ALA E 112 -33.54 15.75 -54.54
CA ALA E 112 -34.97 15.57 -54.75
C ALA E 112 -35.32 14.12 -55.02
N PRO E 113 -36.44 13.64 -54.46
CA PRO E 113 -36.76 12.20 -54.52
C PRO E 113 -36.95 11.72 -55.94
N SER E 114 -36.97 10.41 -56.08
CA SER E 114 -37.32 9.75 -57.32
C SER E 114 -38.57 8.95 -57.05
N VAL E 115 -39.63 9.27 -57.72
CA VAL E 115 -40.91 8.68 -57.37
C VAL E 115 -41.13 7.47 -58.24
N PHE E 116 -41.70 6.43 -57.63
CA PHE E 116 -42.04 5.21 -58.33
C PHE E 116 -43.37 4.76 -57.77
N ILE E 117 -44.25 4.31 -58.65
CA ILE E 117 -45.54 3.82 -58.22
C ILE E 117 -45.59 2.33 -58.53
N PHE E 118 -46.27 1.60 -57.67
CA PHE E 118 -46.31 0.14 -57.73
C PHE E 118 -47.77 -0.31 -57.66
N PRO E 119 -48.30 -0.88 -58.73
CA PRO E 119 -49.68 -1.34 -58.70
C PRO E 119 -49.80 -2.60 -57.88
N PRO E 120 -50.96 -2.89 -57.33
CA PRO E 120 -51.12 -4.14 -56.58
C PRO E 120 -50.70 -5.32 -57.45
N SER E 121 -50.28 -6.38 -56.79
CA SER E 121 -49.95 -7.60 -57.49
C SER E 121 -51.21 -8.40 -57.73
N ASP E 122 -51.27 -9.10 -58.87
CA ASP E 122 -52.37 -10.03 -59.09
C ASP E 122 -52.45 -11.05 -57.95
N GLU E 123 -51.31 -11.40 -57.39
CA GLU E 123 -51.24 -12.40 -56.34
C GLU E 123 -51.94 -11.90 -55.08
N GLN E 124 -51.66 -10.66 -54.66
CA GLN E 124 -52.37 -10.14 -53.50
C GLN E 124 -53.84 -9.93 -53.82
N LEU E 125 -54.14 -9.54 -55.07
CA LEU E 125 -55.49 -9.20 -55.47
C LEU E 125 -56.43 -10.38 -55.26
N LYS E 126 -55.95 -11.58 -55.43
CA LYS E 126 -56.82 -12.73 -55.33
C LYS E 126 -57.14 -13.11 -53.90
N SER E 127 -56.88 -12.20 -52.97
CA SER E 127 -57.37 -12.21 -51.61
C SER E 127 -58.22 -10.97 -51.42
N GLY E 128 -58.59 -10.68 -50.18
CA GLY E 128 -59.59 -9.65 -49.95
C GLY E 128 -59.18 -8.27 -50.41
N THR E 129 -57.92 -7.91 -50.19
CA THR E 129 -57.48 -6.50 -50.16
C THR E 129 -56.46 -6.24 -51.27
N ALA E 130 -56.29 -4.95 -51.59
CA ALA E 130 -55.28 -4.49 -52.54
C ALA E 130 -54.45 -3.39 -51.90
N SER E 131 -53.17 -3.32 -52.27
CA SER E 131 -52.26 -2.34 -51.71
C SER E 131 -51.48 -1.63 -52.80
N VAL E 132 -51.50 -0.31 -52.78
CA VAL E 132 -50.79 0.51 -53.75
C VAL E 132 -49.63 1.18 -53.03
N VAL E 133 -48.45 1.13 -53.65
CA VAL E 133 -47.22 1.61 -53.03
C VAL E 133 -46.61 2.72 -53.88
N CYS E 134 -46.37 3.86 -53.25
CA CYS E 134 -45.55 4.93 -53.79
C CYS E 134 -44.20 4.96 -53.06
N LEU E 135 -43.11 5.18 -53.80
CA LEU E 135 -41.75 5.14 -53.24
C LEU E 135 -40.98 6.39 -53.59
N LEU E 136 -40.48 7.09 -52.56
CA LEU E 136 -39.69 8.31 -52.72
C LEU E 136 -38.26 7.98 -52.35
N ASN E 137 -37.35 8.03 -53.30
CA ASN E 137 -36.05 7.43 -53.10
C ASN E 137 -34.94 8.47 -53.10
N ASN E 138 -34.13 8.45 -52.03
CA ASN E 138 -32.86 9.19 -51.90
C ASN E 138 -33.05 10.70 -51.99
N PHE E 139 -33.88 11.24 -51.10
CA PHE E 139 -34.07 12.69 -51.06
C PHE E 139 -33.53 13.30 -49.77
N TYR E 140 -33.22 14.60 -49.85
CA TYR E 140 -32.77 15.39 -48.73
C TYR E 140 -33.34 16.78 -49.00
N PRO E 141 -33.98 17.42 -48.02
CA PRO E 141 -34.09 16.99 -46.63
C PRO E 141 -35.17 15.98 -46.43
N ARG E 142 -35.56 15.82 -45.17
CA ARG E 142 -36.43 14.71 -44.78
C ARG E 142 -37.90 15.02 -45.01
N GLU E 143 -38.26 16.30 -44.92
CA GLU E 143 -39.66 16.67 -44.91
C GLU E 143 -40.24 16.55 -46.32
N ALA E 144 -41.09 15.55 -46.54
CA ALA E 144 -41.80 15.40 -47.79
C ALA E 144 -43.27 15.09 -47.51
N LYS E 145 -44.13 15.42 -48.48
CA LYS E 145 -45.55 15.06 -48.39
C LYS E 145 -45.95 14.25 -49.62
N VAL E 146 -46.82 13.27 -49.39
CA VAL E 146 -47.28 12.34 -50.41
C VAL E 146 -48.80 12.34 -50.37
N GLN E 147 -49.43 12.53 -51.53
CA GLN E 147 -50.88 12.54 -51.62
C GLN E 147 -51.35 11.48 -52.61
N TRP E 148 -52.33 10.71 -52.19
CA TRP E 148 -52.96 9.70 -53.02
C TRP E 148 -54.24 10.26 -53.62
N LYS E 149 -54.33 10.23 -54.94
CA LYS E 149 -55.52 10.67 -55.66
C LYS E 149 -56.04 9.50 -56.46
N VAL E 150 -57.26 9.08 -56.19
CA VAL E 150 -57.92 8.05 -56.96
C VAL E 150 -58.97 8.71 -57.83
N ASP E 151 -58.86 8.54 -59.14
CA ASP E 151 -59.73 9.19 -60.11
C ASP E 151 -59.79 10.69 -59.84
N ASN E 152 -58.64 11.25 -59.49
CA ASN E 152 -58.48 12.65 -59.12
C ASN E 152 -59.30 13.01 -57.87
N ALA E 153 -59.74 12.01 -57.10
CA ALA E 153 -60.34 12.23 -55.78
C ALA E 153 -59.27 11.92 -54.75
N LEU E 154 -58.69 12.95 -54.15
CA LEU E 154 -57.61 12.66 -53.22
C LEU E 154 -58.18 12.01 -51.96
N GLN E 155 -57.32 11.28 -51.27
CA GLN E 155 -57.74 10.43 -50.19
C GLN E 155 -57.28 10.98 -48.85
N SER E 156 -57.71 10.28 -47.79
CA SER E 156 -57.42 10.61 -46.41
C SER E 156 -57.83 9.39 -45.58
N GLY E 157 -56.99 9.02 -44.63
CA GLY E 157 -57.01 7.66 -44.12
C GLY E 157 -56.35 6.75 -45.14
N ASN E 158 -56.73 5.47 -45.11
CA ASN E 158 -56.34 4.46 -46.10
C ASN E 158 -54.88 4.47 -46.58
N SER E 159 -54.01 5.26 -45.95
CA SER E 159 -52.62 5.30 -46.33
C SER E 159 -51.73 5.41 -45.10
N GLN E 160 -50.71 4.56 -45.05
CA GLN E 160 -49.66 4.63 -44.05
C GLN E 160 -48.33 4.86 -44.78
N GLU E 161 -47.43 5.63 -44.17
CA GLU E 161 -46.08 5.78 -44.70
C GLU E 161 -45.03 5.60 -43.59
N SER E 162 -43.79 5.35 -44.00
CA SER E 162 -42.67 5.20 -43.09
C SER E 162 -41.40 5.64 -43.80
N VAL E 163 -40.43 6.12 -43.02
CA VAL E 163 -39.22 6.70 -43.57
C VAL E 163 -38.03 5.92 -43.07
N THR E 164 -36.96 5.93 -43.86
CA THR E 164 -35.71 5.32 -43.43
C THR E 164 -34.91 6.25 -42.51
N GLU E 165 -34.05 5.64 -41.70
CA GLU E 165 -32.98 6.42 -41.11
C GLU E 165 -32.04 6.89 -42.22
N GLN E 166 -31.35 8.00 -41.96
CA GLN E 166 -30.51 8.61 -43.00
C GLN E 166 -29.54 7.58 -43.56
N ASP E 167 -29.14 7.76 -44.81
CA ASP E 167 -28.43 6.70 -45.51
C ASP E 167 -26.93 6.80 -45.32
N SER E 168 -26.30 5.65 -45.13
CA SER E 168 -24.90 5.57 -44.72
C SER E 168 -23.99 6.35 -45.64
N LYS E 169 -24.08 6.09 -46.95
CA LYS E 169 -23.13 6.66 -47.90
C LYS E 169 -23.59 8.04 -48.44
N ASP E 170 -24.78 8.12 -49.03
CA ASP E 170 -25.12 9.40 -49.66
C ASP E 170 -25.93 10.33 -48.76
N SER E 171 -26.27 9.93 -47.53
CA SER E 171 -26.87 10.84 -46.54
C SER E 171 -28.28 11.28 -46.94
N THR E 172 -29.02 10.45 -47.65
CA THR E 172 -30.35 10.78 -48.12
C THR E 172 -31.40 10.01 -47.33
N TYR E 173 -32.64 10.39 -47.50
CA TYR E 173 -33.73 9.63 -46.93
C TYR E 173 -34.46 8.85 -48.03
N SER E 174 -35.41 8.00 -47.61
CA SER E 174 -36.25 7.27 -48.53
C SER E 174 -37.58 7.00 -47.81
N LEU E 175 -38.69 7.13 -48.54
CA LEU E 175 -40.01 6.98 -47.97
C LEU E 175 -40.81 5.95 -48.75
N SER E 176 -41.71 5.26 -48.06
CA SER E 176 -42.66 4.37 -48.71
C SER E 176 -44.06 4.61 -48.15
N SER E 177 -45.00 5.00 -49.02
CA SER E 177 -46.40 5.15 -48.64
C SER E 177 -47.25 4.06 -49.27
N THR E 178 -48.29 3.63 -48.54
CA THR E 178 -49.06 2.47 -48.93
C THR E 178 -50.54 2.78 -48.79
N LEU E 179 -51.20 2.95 -49.94
CA LEU E 179 -52.64 3.11 -50.00
C LEU E 179 -53.26 1.73 -50.09
N THR E 180 -54.09 1.38 -49.11
CA THR E 180 -54.70 0.05 -49.03
C THR E 180 -56.20 0.22 -49.17
N LEU E 181 -56.76 -0.42 -50.20
CA LEU E 181 -58.19 -0.51 -50.42
C LEU E 181 -58.61 -1.97 -50.43
N SER E 182 -59.90 -2.18 -50.23
CA SER E 182 -60.46 -3.49 -50.53
C SER E 182 -60.41 -3.72 -52.05
N LYS E 183 -60.40 -4.99 -52.45
CA LYS E 183 -60.37 -5.28 -53.87
C LYS E 183 -61.61 -4.75 -54.57
N ALA E 184 -62.77 -4.88 -53.93
CA ALA E 184 -63.99 -4.30 -54.49
C ALA E 184 -63.77 -2.83 -54.84
N ASP E 185 -63.35 -2.02 -53.88
CA ASP E 185 -63.13 -0.61 -54.16
C ASP E 185 -62.10 -0.41 -55.28
N TYR E 186 -61.17 -1.34 -55.43
CA TYR E 186 -60.04 -1.07 -56.29
C TYR E 186 -60.39 -1.30 -57.75
N GLU E 187 -61.19 -2.34 -58.01
CA GLU E 187 -61.63 -2.59 -59.39
C GLU E 187 -62.54 -1.47 -59.89
N LYS E 188 -63.24 -0.78 -58.97
CA LYS E 188 -64.18 0.28 -59.33
C LYS E 188 -63.48 1.47 -60.00
N HIS E 189 -62.32 1.88 -59.51
CA HIS E 189 -61.68 3.07 -60.07
C HIS E 189 -60.56 2.69 -61.03
N LYS E 190 -59.98 3.69 -61.69
CA LYS E 190 -59.03 3.35 -62.74
C LYS E 190 -57.66 4.04 -62.65
N VAL E 191 -57.61 5.33 -62.32
CA VAL E 191 -56.38 6.12 -62.46
C VAL E 191 -55.84 6.44 -61.06
N TYR E 192 -54.84 5.66 -60.63
CA TYR E 192 -54.20 5.81 -59.33
C TYR E 192 -52.93 6.62 -59.48
N ALA E 193 -52.86 7.74 -58.76
CA ALA E 193 -51.70 8.62 -58.77
C ALA E 193 -51.20 8.85 -57.36
N CYS E 194 -49.95 9.26 -57.27
CA CYS E 194 -49.34 9.61 -56.01
C CYS E 194 -48.59 10.93 -56.19
N GLU E 195 -49.03 11.97 -55.51
CA GLU E 195 -48.49 13.31 -55.71
C GLU E 195 -47.47 13.65 -54.62
N VAL E 196 -46.28 14.07 -55.05
CA VAL E 196 -45.13 14.22 -54.16
C VAL E 196 -44.68 15.68 -54.17
N THR E 197 -44.76 16.33 -53.03
CA THR E 197 -44.25 17.68 -52.88
C THR E 197 -43.05 17.70 -51.94
N HIS E 198 -41.95 18.31 -52.40
CA HIS E 198 -40.67 18.27 -51.71
C HIS E 198 -39.92 19.55 -52.04
N GLN E 199 -38.99 19.91 -51.16
CA GLN E 199 -38.21 21.12 -51.38
C GLN E 199 -37.29 20.98 -52.59
N GLY E 200 -36.93 19.76 -52.95
CA GLY E 200 -36.09 19.64 -54.12
C GLY E 200 -36.81 19.80 -55.43
N LEU E 201 -38.14 19.89 -55.39
CA LEU E 201 -38.98 19.93 -56.58
C LEU E 201 -39.47 21.36 -56.82
N SER E 202 -39.12 21.90 -57.99
CA SER E 202 -39.67 23.18 -58.41
C SER E 202 -41.19 23.16 -58.43
N SER E 203 -41.78 22.02 -58.77
CA SER E 203 -43.23 21.87 -58.87
C SER E 203 -43.56 20.42 -58.61
N PRO E 204 -44.70 20.14 -57.97
CA PRO E 204 -45.01 18.78 -57.55
C PRO E 204 -44.89 17.78 -58.68
N VAL E 205 -44.55 16.55 -58.31
CA VAL E 205 -44.33 15.46 -59.24
C VAL E 205 -45.39 14.41 -58.96
N THR E 206 -46.03 13.92 -60.02
CA THR E 206 -47.09 12.92 -59.89
C THR E 206 -46.63 11.67 -60.64
N LYS E 207 -46.91 10.50 -60.05
CA LYS E 207 -46.65 9.23 -60.71
C LYS E 207 -47.94 8.43 -60.67
N SER E 208 -48.31 7.82 -61.80
CA SER E 208 -49.65 7.30 -61.90
C SER E 208 -49.70 6.08 -62.81
N PHE E 209 -50.78 5.33 -62.66
CA PHE E 209 -50.99 4.20 -63.53
C PHE E 209 -52.47 3.96 -63.61
N ASN E 210 -52.90 3.46 -64.77
CA ASN E 210 -54.26 2.98 -64.94
C ASN E 210 -54.27 1.46 -64.83
N ARG E 211 -55.35 0.95 -64.24
CA ARG E 211 -55.49 -0.45 -63.90
C ARG E 211 -55.46 -1.41 -65.10
N GLY E 212 -55.48 -0.92 -66.34
CA GLY E 212 -55.18 -1.75 -67.49
C GLY E 212 -53.69 -1.76 -67.83
N GLU E 213 -53.37 -2.37 -68.97
CA GLU E 213 -52.00 -2.33 -69.50
C GLU E 213 -50.94 -2.83 -68.52
C1 NAG F . -1.32 -1.69 -9.79
C2 NAG F . -0.99 -2.74 -10.83
C3 NAG F . 0.04 -2.24 -11.87
C4 NAG F . -0.33 -0.83 -12.26
C5 NAG F . -0.65 0.09 -11.09
C6 NAG F . -1.17 1.46 -11.45
C7 NAG F . 0.23 -4.85 -10.19
C8 NAG F . 0.22 -5.90 -9.11
N2 NAG F . -0.61 -3.85 -9.98
O3 NAG F . -0.25 -3.00 -13.04
O4 NAG F . 0.84 -0.25 -12.84
O5 NAG F . -1.73 -0.48 -10.38
O6 NAG F . -2.23 1.75 -10.54
O7 NAG F . 0.93 -4.93 -11.18
C1 NAG F . 0.69 -3.35 -14.11
C2 NAG F . 1.96 -2.56 -14.46
C3 NAG F . 2.57 -3.15 -15.72
C4 NAG F . 2.73 -4.67 -15.73
C5 NAG F . 1.39 -5.25 -15.28
C6 NAG F . 1.28 -6.76 -15.12
C7 NAG F . 0.85 -0.63 -15.70
C8 NAG F . 0.63 0.86 -15.61
N2 NAG F . 1.67 -1.15 -14.75
O3 NAG F . 3.84 -2.52 -15.96
O4 NAG F . 2.87 -5.06 -17.11
O5 NAG F . 0.99 -4.73 -14.02
O6 NAG F . 0.07 -6.95 -14.36
O7 NAG F . 0.29 -1.24 -16.61
C1 BMA F . 4.20 -5.15 -17.67
C2 BMA F . 4.12 -5.98 -19.00
C3 BMA F . 5.51 -6.10 -19.62
C4 BMA F . 6.14 -4.70 -19.80
C5 BMA F . 6.15 -3.93 -18.45
C6 BMA F . 6.74 -2.52 -18.58
O2 BMA F . 3.31 -5.33 -19.99
O3 BMA F . 5.45 -6.79 -20.89
O4 BMA F . 7.47 -4.81 -20.33
O5 BMA F . 4.80 -3.87 -17.91
O6 BMA F . 7.97 -2.66 -19.31
C1 MAN F . 6.24 -8.00 -20.99
C2 MAN F . 6.61 -8.13 -22.46
C3 MAN F . 5.29 -8.22 -23.23
C4 MAN F . 4.40 -9.36 -22.70
C5 MAN F . 4.26 -9.23 -21.18
C6 MAN F . 3.47 -10.41 -20.61
O2 MAN F . 7.50 -9.25 -22.67
O3 MAN F . 5.50 -8.33 -24.66
O4 MAN F . 3.10 -9.26 -23.29
O5 MAN F . 5.56 -9.19 -20.57
O6 MAN F . 3.22 -10.25 -19.21
C1 MAN F . 8.76 -1.47 -19.41
C2 MAN F . 9.96 -1.79 -20.30
C3 MAN F . 10.87 -2.81 -19.60
C4 MAN F . 11.24 -2.34 -18.20
C5 MAN F . 9.95 -1.99 -17.44
C6 MAN F . 10.28 -1.50 -16.02
O2 MAN F . 10.63 -0.56 -20.63
O3 MAN F . 12.09 -3.09 -20.32
O4 MAN F . 11.95 -3.39 -17.52
O5 MAN F . 9.24 -0.98 -18.16
O6 MAN F . 9.14 -0.89 -15.45
C1 NAG G . -17.33 -15.95 -11.42
C2 NAG G . -18.26 -15.57 -12.57
C3 NAG G . -18.19 -16.57 -13.73
C4 NAG G . -16.74 -16.83 -14.15
C5 NAG G . -15.91 -17.19 -12.92
C6 NAG G . -14.44 -17.44 -13.20
C7 NAG G . -20.16 -14.20 -11.95
C8 NAG G . -21.52 -14.08 -11.35
N2 NAG G . -19.64 -15.43 -12.08
O3 NAG G . -18.87 -16.00 -14.85
O4 NAG G . -16.75 -17.94 -15.07
O5 NAG G . -15.99 -16.13 -11.94
O6 NAG G . -13.84 -16.15 -13.33
O7 NAG G . -19.53 -13.22 -12.32
C1 NAG G . -16.04 -17.69 -16.30
C2 NAG G . -15.69 -19.03 -16.97
C3 NAG G . -14.94 -18.81 -18.27
C4 NAG G . -15.75 -17.92 -19.18
C5 NAG G . -16.13 -16.64 -18.46
C6 NAG G . -16.99 -15.74 -19.34
C7 NAG G . -15.33 -20.99 -15.64
C8 NAG G . -14.31 -22.00 -15.21
N2 NAG G . -14.85 -19.84 -16.10
O3 NAG G . -14.71 -20.06 -18.94
O4 NAG G . -14.88 -17.58 -20.27
O5 NAG G . -16.81 -16.93 -17.23
O6 NAG G . -18.37 -16.13 -19.22
O7 NAG G . -16.52 -21.18 -15.60
C1 BMA G . -15.43 -18.15 -21.46
C2 BMA G . -14.82 -17.45 -22.68
C3 BMA G . -15.49 -18.00 -23.93
C4 BMA G . -15.57 -19.58 -23.98
C5 BMA G . -15.94 -20.20 -22.57
C6 BMA G . -15.71 -21.71 -22.48
O2 BMA G . -13.43 -17.72 -22.82
O3 BMA G . -14.90 -17.46 -25.13
O4 BMA G . -16.54 -19.98 -24.95
O5 BMA G . -15.17 -19.57 -21.53
O6 BMA G . -16.71 -22.36 -23.25
C1 MAN G . -15.47 -16.15 -25.35
C2 MAN G . -17.02 -16.23 -25.40
C3 MAN G . -17.48 -17.03 -26.62
C4 MAN G . -16.83 -16.49 -27.89
C5 MAN G . -15.32 -16.39 -27.70
C6 MAN G . -14.66 -15.79 -28.95
O2 MAN G . -17.59 -14.92 -25.38
O3 MAN G . -18.91 -17.02 -26.74
O4 MAN G . -17.14 -17.35 -28.99
O5 MAN G . -15.03 -15.55 -26.57
O6 MAN G . -15.07 -14.42 -29.12
C1 NAG H . -8.52 4.87 -15.27
C2 NAG H . -8.26 6.39 -15.20
C3 NAG H . -8.39 6.99 -16.60
C4 NAG H . -7.50 6.25 -17.59
C5 NAG H . -7.82 4.76 -17.58
C6 NAG H . -6.86 4.03 -18.51
C7 NAG H . -9.17 8.36 -13.97
C8 NAG H . -10.39 9.11 -14.42
N2 NAG H . -9.15 7.04 -14.23
O3 NAG H . -7.99 8.37 -16.59
O4 NAG H . -7.68 6.75 -18.93
O5 NAG H . -7.65 4.26 -16.25
O6 NAG H . -6.55 2.76 -17.92
O7 NAG H . -8.25 8.92 -13.39
C1 NAG I . 11.83 4.59 3.56
C2 NAG I . 13.16 5.36 3.75
C3 NAG I . 13.58 6.03 2.43
C4 NAG I . 13.82 4.92 1.42
C5 NAG I . 12.56 4.08 1.28
C6 NAG I . 12.99 2.85 0.52
C7 NAG I . 13.98 5.96 6.01
C8 NAG I . 14.81 7.13 6.44
N2 NAG I . 13.17 6.20 4.94
O3 NAG I . 14.79 6.79 2.57
O4 NAG I . 14.25 5.42 0.14
O5 NAG I . 12.08 3.58 2.56
O6 NAG I . 12.96 1.77 1.46
O7 NAG I . 14.06 4.89 6.63
C1 NAG J . -16.75 -21.03 -0.07
C2 NAG J . -16.36 -21.63 -1.44
C3 NAG J . -17.55 -21.53 -2.42
C4 NAG J . -18.78 -22.21 -1.80
C5 NAG J . -19.09 -21.58 -0.43
C6 NAG J . -20.30 -22.17 0.28
C7 NAG J . -13.93 -21.42 -1.66
C8 NAG J . -12.80 -20.71 -2.35
N2 NAG J . -15.15 -20.99 -1.97
O3 NAG J . -17.25 -22.11 -3.71
O4 NAG J . -19.89 -22.12 -2.71
O5 NAG J . -17.93 -21.68 0.42
O6 NAG J . -20.30 -23.61 0.31
O7 NAG J . -13.72 -22.33 -0.87
C1 NAG K . -12.82 16.14 7.33
C2 NAG K . -12.93 17.66 7.20
C3 NAG K . -13.56 18.21 8.49
C4 NAG K . -14.94 17.58 8.67
C5 NAG K . -14.81 16.05 8.71
C6 NAG K . -16.16 15.35 8.87
C7 NAG K . -11.20 18.38 5.72
C8 NAG K . -9.95 19.21 5.57
N2 NAG K . -11.64 18.26 6.96
O3 NAG K . -13.61 19.64 8.47
O4 NAG K . -15.54 18.08 9.87
O5 NAG K . -14.14 15.60 7.50
O6 NAG K . -17.02 15.65 7.78
O7 NAG K . -11.75 17.86 4.77
#